data_3ZUV
#
_entry.id   3ZUV
#
_cell.length_a   113.670
_cell.length_b   150.449
_cell.length_c   104.970
_cell.angle_alpha   90.00
_cell.angle_beta   90.00
_cell.angle_gamma   90.00
#
_symmetry.space_group_name_H-M   'P 21 21 21'
#
loop_
_entity.id
_entity.type
_entity.pdbx_description
1 polymer 'MITOGEN-ACTIVATED PROTEIN KINASE 1'
2 polymer 'DESIGNED ANKYRIN REPEAT PROTEIN'
3 non-polymer 'SULFATE ION'
4 water water
#
loop_
_entity_poly.entity_id
_entity_poly.type
_entity_poly.pdbx_seq_one_letter_code
_entity_poly.pdbx_strand_id
1 'polypeptide(L)'
;HHHHHHAMAAAAAGPEMVRGQVFDVGPRYTNLSYIGEGAYGMVCSAYDNLNKVRVAIKKISPFEHQTYCQRTLREIKILL
RFRHENIIGINDIIRAPTIEQMKDVYIVQDLMETDLYKLLKTQHLSNDHICYFLYQILRGLKYIHSANVLHRDLKPSNLL
LNTTCDLKICDFGLARVADPDHDHTGFL(TPO)E(PTR)VATRWYRAPEIMLNSKGYTKSIDIWSVGCILAEMLSNRPIF
PGKHYLDQLNHILGILGSPSQEDLNCIINLKARNYLLSLPHKNKVPWNRLFPNADSKALDLLDKMLTFNPHKRIEVEQAL
AHPYLEQYYDPSDEPIAEAPFKFDMELDDLPKEKLKELIFEETARFQPGYRS
;
A,C
2 'polypeptide(L)'
;MRGSHHHHHHGSDLGKKLLEAARAGQDDEVRILMANGADVNALDEDGLTPLHLAAQLGHLEIVEVLLKYGADVNAEDNFG
ITPLHLAAIRGHLEIVEVLLKHGADVNAQDKFGKTAFDISIDNGNEDLAEILQKLN
;
B,D
#
loop_
_chem_comp.id
_chem_comp.type
_chem_comp.name
_chem_comp.formula
SO4 non-polymer 'SULFATE ION' 'O4 S -2'
#
# COMPACT_ATOMS: atom_id res chain seq x y z
N HIS A 6 -16.41 10.77 54.78
CA HIS A 6 -16.93 12.13 55.06
C HIS A 6 -15.94 13.22 54.60
N ALA A 7 -15.80 13.31 53.28
CA ALA A 7 -15.15 14.42 52.55
C ALA A 7 -15.83 14.30 51.21
N MET A 8 -16.25 15.41 50.59
CA MET A 8 -17.06 15.28 49.36
C MET A 8 -16.37 14.32 48.41
N ALA A 9 -16.76 13.04 48.48
CA ALA A 9 -16.28 12.05 47.54
C ALA A 9 -16.84 12.52 46.22
N ALA A 10 -16.20 13.58 45.72
CA ALA A 10 -16.43 14.09 44.38
C ALA A 10 -15.49 13.28 43.48
N ALA A 11 -16.01 12.88 42.32
CA ALA A 11 -15.28 12.03 41.41
C ALA A 11 -15.35 12.55 39.95
N ALA A 12 -14.53 13.56 39.63
CA ALA A 12 -14.45 14.12 38.25
C ALA A 12 -13.35 13.49 37.32
N ALA A 13 -12.18 13.17 37.91
CA ALA A 13 -11.07 12.43 37.24
C ALA A 13 -10.59 12.87 35.85
N GLY A 14 -10.48 11.86 34.96
CA GLY A 14 -9.77 11.89 33.64
C GLY A 14 -9.37 13.23 32.92
N PRO A 15 -8.05 13.39 32.64
CA PRO A 15 -7.66 13.92 31.29
C PRO A 15 -7.81 12.72 30.33
N GLU A 16 -8.40 12.89 29.14
CA GLU A 16 -8.42 11.74 28.19
C GLU A 16 -6.99 11.26 27.93
N MET A 17 -6.79 9.95 27.72
CA MET A 17 -5.44 9.45 27.39
C MET A 17 -5.40 8.91 25.97
N VAL A 18 -4.24 8.92 25.32
CA VAL A 18 -4.12 8.33 23.99
C VAL A 18 -2.74 7.77 23.82
N ARG A 19 -2.67 6.45 23.62
CA ARG A 19 -1.36 5.76 23.49
C ARG A 19 -0.48 6.16 24.65
N GLY A 20 -1.12 6.27 25.81
CA GLY A 20 -0.44 6.52 27.07
C GLY A 20 -0.02 7.95 27.34
N GLN A 21 -0.21 8.85 26.40
CA GLN A 21 0.12 10.24 26.58
C GLN A 21 -1.15 11.01 26.94
N VAL A 22 -1.03 12.15 27.58
CA VAL A 22 -2.19 13.00 27.91
C VAL A 22 -2.68 13.72 26.63
N PHE A 23 -3.98 13.76 26.40
CA PHE A 23 -4.53 14.57 25.31
C PHE A 23 -5.69 15.44 25.84
N ASP A 24 -5.33 16.57 26.41
CA ASP A 24 -6.27 17.17 27.30
C ASP A 24 -6.96 18.28 26.59
N VAL A 25 -8.01 17.96 25.85
CA VAL A 25 -8.66 19.00 25.04
C VAL A 25 -10.03 19.29 25.55
N GLY A 26 -10.18 19.10 26.87
CA GLY A 26 -11.15 19.91 27.71
C GLY A 26 -12.46 19.41 27.20
N PRO A 27 -13.54 19.92 27.75
CA PRO A 27 -14.83 19.33 27.44
C PRO A 27 -15.31 19.65 26.01
N ARG A 28 -14.73 20.63 25.35
CA ARG A 28 -15.22 20.97 24.02
C ARG A 28 -14.91 19.95 22.93
N TYR A 29 -13.75 19.30 22.99
CA TYR A 29 -13.32 18.32 21.98
C TYR A 29 -13.37 16.93 22.56
N THR A 30 -14.14 16.08 21.92
CA THR A 30 -14.42 14.73 22.44
C THR A 30 -14.27 13.74 21.29
N ASN A 31 -14.50 12.45 21.61
CA ASN A 31 -14.28 11.38 20.65
C ASN A 31 -12.98 11.37 19.90
N LEU A 32 -11.90 11.28 20.65
CA LEU A 32 -10.57 11.40 20.08
C LEU A 32 -10.25 10.19 19.19
N SER A 33 -9.44 10.43 18.17
CA SER A 33 -8.90 9.40 17.34
C SER A 33 -7.48 9.75 16.87
N TYR A 34 -6.51 8.92 17.26
CA TYR A 34 -5.10 9.17 16.89
C TYR A 34 -4.99 9.18 15.37
N ILE A 35 -4.31 10.19 14.80
CA ILE A 35 -4.15 10.27 13.35
C ILE A 35 -2.70 10.62 12.94
N GLY A 36 -1.76 10.10 13.73
CA GLY A 36 -0.35 10.17 13.37
C GLY A 36 0.48 11.19 14.12
N GLU A 37 1.66 11.49 13.59
CA GLU A 37 2.63 12.37 14.28
C GLU A 37 2.87 13.72 13.60
N GLY A 38 2.98 14.79 14.37
CA GLY A 38 3.49 16.08 13.85
C GLY A 38 4.96 16.21 14.26
N ALA A 39 5.51 17.41 14.19
CA ALA A 39 6.90 17.58 14.59
C ALA A 39 7.09 17.37 16.10
N TYR A 40 6.25 17.96 16.97
CA TYR A 40 6.56 17.88 18.43
C TYR A 40 5.42 17.30 19.21
N GLY A 41 4.61 16.48 18.54
CA GLY A 41 3.61 15.68 19.26
C GLY A 41 2.67 14.86 18.38
N MET A 42 1.76 14.14 19.03
CA MET A 42 0.71 13.47 18.31
C MET A 42 -0.41 14.40 17.79
N VAL A 43 -1.04 13.95 16.72
CA VAL A 43 -2.23 14.53 16.23
C VAL A 43 -3.44 13.60 16.46
N CYS A 44 -4.53 14.18 16.93
CA CYS A 44 -5.78 13.47 17.07
C CYS A 44 -6.87 14.19 16.31
N SER A 45 -7.88 13.45 15.87
CA SER A 45 -9.03 14.10 15.33
C SER A 45 -10.07 14.00 16.41
N ALA A 46 -10.92 15.02 16.55
CA ALA A 46 -11.89 15.11 17.68
C ALA A 46 -13.16 15.73 17.20
N TYR A 47 -14.23 15.54 17.94
CA TYR A 47 -15.47 16.12 17.57
C TYR A 47 -15.65 17.41 18.30
N ASP A 48 -15.90 18.46 17.52
CA ASP A 48 -16.00 19.80 18.08
C ASP A 48 -17.42 20.06 18.51
N ASN A 49 -17.65 19.94 19.80
CA ASN A 49 -18.99 20.05 20.32
C ASN A 49 -19.66 21.40 20.10
N LEU A 50 -18.93 22.41 19.63
CA LEU A 50 -19.56 23.72 19.38
C LEU A 50 -19.86 23.84 17.91
N ASN A 51 -18.91 23.48 17.04
CA ASN A 51 -19.15 23.66 15.63
C ASN A 51 -19.79 22.45 14.97
N LYS A 52 -19.97 21.38 15.75
CA LYS A 52 -20.61 20.15 15.29
C LYS A 52 -19.95 19.51 14.11
N VAL A 53 -18.62 19.43 14.11
CA VAL A 53 -17.89 18.75 13.07
C VAL A 53 -16.65 18.15 13.69
N ARG A 54 -16.10 17.14 13.05
CA ARG A 54 -14.85 16.68 13.53
C ARG A 54 -13.73 17.65 13.09
N VAL A 55 -12.73 17.87 13.95
CA VAL A 55 -11.54 18.68 13.65
C VAL A 55 -10.21 17.91 13.81
N ALA A 56 -9.09 18.52 13.44
CA ALA A 56 -7.77 17.93 13.75
C ALA A 56 -7.12 18.77 14.82
N ILE A 57 -6.61 18.11 15.87
CA ILE A 57 -5.92 18.77 16.95
C ILE A 57 -4.47 18.24 17.07
N LYS A 58 -3.47 19.13 16.95
CA LYS A 58 -2.11 18.71 17.15
C LYS A 58 -1.56 19.14 18.47
N LYS A 59 -1.00 18.18 19.23
CA LYS A 59 -0.32 18.44 20.51
C LYS A 59 1.10 18.82 20.22
N ILE A 60 1.51 19.96 20.77
CA ILE A 60 2.87 20.46 20.58
C ILE A 60 3.57 20.58 21.94
N SER A 61 4.79 20.06 22.05
CA SER A 61 5.55 20.20 23.30
C SER A 61 6.96 20.69 23.00
N PRO A 62 7.11 22.01 22.77
CA PRO A 62 8.34 22.58 22.25
C PRO A 62 9.24 23.24 23.30
N PHE A 63 8.85 23.22 24.57
CA PHE A 63 9.45 24.19 25.49
C PHE A 63 10.87 23.92 25.92
N GLU A 64 11.35 22.72 25.70
CA GLU A 64 12.72 22.33 25.99
C GLU A 64 13.76 22.85 25.03
N HIS A 65 13.39 23.16 23.80
CA HIS A 65 14.40 23.43 22.81
C HIS A 65 14.11 24.68 22.07
N GLN A 66 15.10 25.58 22.08
CA GLN A 66 14.90 26.89 21.42
C GLN A 66 14.31 26.81 20.01
N THR A 67 14.81 25.89 19.19
CA THR A 67 14.36 25.86 17.83
C THR A 67 12.95 25.30 17.72
N TYR A 68 12.54 24.39 18.57
CA TYR A 68 11.11 24.00 18.62
C TYR A 68 10.22 25.22 18.96
N CYS A 69 10.70 26.03 19.90
CA CYS A 69 10.00 27.23 20.24
C CYS A 69 9.88 28.19 19.08
N GLN A 70 10.94 28.43 18.33
CA GLN A 70 10.81 29.39 17.27
C GLN A 70 9.88 28.85 16.22
N ARG A 71 10.05 27.59 15.88
CA ARG A 71 9.20 27.06 14.83
C ARG A 71 7.74 27.10 15.23
N THR A 72 7.43 26.73 16.48
CA THR A 72 6.06 26.85 16.97
C THR A 72 5.53 28.29 16.96
N LEU A 73 6.34 29.24 17.42
CA LEU A 73 5.90 30.61 17.48
C LEU A 73 5.59 31.18 16.10
N ARG A 74 6.49 30.94 15.15
CA ARG A 74 6.28 31.33 13.76
C ARG A 74 5.02 30.71 13.13
N GLU A 75 4.78 29.44 13.40
CA GLU A 75 3.60 28.88 12.81
C GLU A 75 2.40 29.58 13.39
N ILE A 76 2.40 29.77 14.71
CA ILE A 76 1.29 30.43 15.32
C ILE A 76 1.11 31.88 14.81
N LYS A 77 2.12 32.73 14.86
CA LYS A 77 1.89 34.08 14.46
C LYS A 77 1.58 34.18 12.98
N ILE A 78 2.16 33.36 12.12
CA ILE A 78 1.81 33.52 10.71
C ILE A 78 0.36 33.11 10.46
N LEU A 79 0.03 31.88 10.85
CA LEU A 79 -1.30 31.40 10.53
C LEU A 79 -2.46 32.20 11.22
N LEU A 80 -2.25 32.74 12.43
CA LEU A 80 -3.25 33.59 13.08
C LEU A 80 -3.50 34.86 12.30
N ARG A 81 -2.47 35.41 11.64
CA ARG A 81 -2.66 36.56 10.76
C ARG A 81 -3.13 36.19 9.39
N PHE A 82 -2.72 35.09 8.83
CA PHE A 82 -3.17 34.76 7.48
C PHE A 82 -4.67 34.45 7.42
N ARG A 83 -5.31 34.80 6.31
CA ARG A 83 -6.72 34.43 6.13
C ARG A 83 -7.04 34.24 4.64
N HIS A 84 -7.06 32.99 4.19
CA HIS A 84 -7.14 32.71 2.75
C HIS A 84 -7.67 31.30 2.57
N GLU A 85 -8.44 31.05 1.51
CA GLU A 85 -9.07 29.72 1.32
C GLU A 85 -8.14 28.58 1.09
N ASN A 86 -6.93 28.81 0.59
CA ASN A 86 -6.00 27.72 0.23
C ASN A 86 -4.87 27.61 1.24
N ILE A 87 -5.12 28.13 2.44
CA ILE A 87 -4.18 28.04 3.54
C ILE A 87 -4.92 27.55 4.79
N ILE A 88 -4.37 26.58 5.52
CA ILE A 88 -5.04 26.07 6.71
C ILE A 88 -5.17 27.16 7.78
N GLY A 89 -6.24 27.20 8.56
CA GLY A 89 -6.37 28.28 9.60
C GLY A 89 -6.06 27.76 10.98
N ILE A 90 -6.02 28.60 12.00
CA ILE A 90 -6.07 28.06 13.33
C ILE A 90 -7.47 28.37 13.87
N ASN A 91 -8.20 27.37 14.35
CA ASN A 91 -9.58 27.62 14.81
C ASN A 91 -9.62 27.92 16.27
N ASP A 92 -8.68 27.35 17.02
CA ASP A 92 -8.60 27.41 18.44
C ASP A 92 -7.23 26.96 18.91
N ILE A 93 -6.85 27.40 20.10
CA ILE A 93 -5.56 26.99 20.66
C ILE A 93 -5.86 26.77 22.11
N ILE A 94 -5.48 25.59 22.62
CA ILE A 94 -5.69 25.24 24.02
C ILE A 94 -4.36 25.09 24.77
N ARG A 95 -4.27 25.71 25.94
CA ARG A 95 -3.19 25.45 26.86
C ARG A 95 -3.55 25.88 28.29
N ALA A 96 -2.66 25.57 29.22
CA ALA A 96 -2.86 25.83 30.65
C ALA A 96 -3.15 27.29 30.93
N PRO A 97 -3.96 27.59 31.95
CA PRO A 97 -4.14 28.98 32.37
C PRO A 97 -2.92 29.74 32.82
N THR A 98 -1.81 29.08 33.14
CA THR A 98 -0.64 29.83 33.65
C THR A 98 0.65 29.37 33.02
N ILE A 99 1.60 30.26 32.89
CA ILE A 99 2.75 29.93 32.10
C ILE A 99 3.59 28.77 32.71
N GLU A 100 3.58 28.64 34.03
CA GLU A 100 4.30 27.51 34.65
C GLU A 100 3.60 26.16 34.36
N GLN A 101 2.27 26.16 34.31
CA GLN A 101 1.56 24.90 34.11
C GLN A 101 1.64 24.46 32.66
N MET A 102 1.83 25.41 31.75
CA MET A 102 1.85 25.13 30.36
C MET A 102 3.12 24.39 29.97
N LYS A 103 2.96 23.11 29.66
CA LYS A 103 4.01 22.28 29.07
C LYS A 103 3.64 21.94 27.67
N ASP A 104 2.33 21.97 27.37
CA ASP A 104 1.82 21.58 26.03
C ASP A 104 0.92 22.64 25.42
N VAL A 105 0.89 22.72 24.11
CA VAL A 105 -0.03 23.60 23.39
C VAL A 105 -0.78 22.79 22.30
N TYR A 106 -2.10 22.89 22.27
CA TYR A 106 -2.86 22.12 21.28
C TYR A 106 -3.45 23.06 20.22
N ILE A 107 -3.09 22.82 18.98
CA ILE A 107 -3.60 23.66 17.94
C ILE A 107 -4.74 23.00 17.16
N VAL A 108 -5.91 23.62 17.10
CA VAL A 108 -7.06 23.00 16.46
C VAL A 108 -7.29 23.54 15.03
N GLN A 109 -7.42 22.66 14.04
CA GLN A 109 -7.60 23.08 12.65
C GLN A 109 -8.74 22.33 11.93
N ASP A 110 -9.15 22.77 10.73
CA ASP A 110 -10.10 22.04 9.93
C ASP A 110 -9.54 20.70 9.66
N LEU A 111 -10.37 19.69 9.63
CA LEU A 111 -9.98 18.33 9.30
C LEU A 111 -10.21 18.14 7.83
N MET A 112 -9.19 17.68 7.15
CA MET A 112 -9.29 17.49 5.72
C MET A 112 -9.16 16.01 5.46
N GLU A 113 -10.06 15.42 4.68
CA GLU A 113 -10.06 13.99 4.39
C GLU A 113 -8.69 13.45 4.04
N THR A 114 -8.01 14.08 3.09
CA THR A 114 -6.85 13.43 2.55
C THR A 114 -5.78 14.46 2.19
N ASP A 115 -4.71 14.08 1.48
CA ASP A 115 -3.75 15.06 1.01
C ASP A 115 -3.11 14.49 -0.20
N LEU A 116 -2.32 15.32 -0.86
CA LEU A 116 -1.86 14.97 -2.17
C LEU A 116 -0.86 13.81 -2.15
N TYR A 117 -0.01 13.77 -1.13
CA TYR A 117 0.94 12.63 -0.97
C TYR A 117 0.19 11.34 -0.97
N LYS A 118 -0.86 11.25 -0.13
CA LYS A 118 -1.71 10.07 -0.08
C LYS A 118 -2.46 9.86 -1.37
N LEU A 119 -2.96 10.94 -1.99
CA LEU A 119 -3.70 10.76 -3.26
C LEU A 119 -2.82 10.17 -4.35
N LEU A 120 -1.58 10.68 -4.48
CA LEU A 120 -0.65 10.25 -5.50
C LEU A 120 -0.24 8.79 -5.29
N LYS A 121 -0.24 8.30 -4.05
CA LYS A 121 0.11 6.89 -3.81
C LYS A 121 -0.93 5.99 -4.43
N THR A 122 -2.16 6.45 -4.61
CA THR A 122 -3.17 5.51 -5.11
C THR A 122 -3.78 5.98 -6.40
N GLN A 123 -3.45 7.18 -6.87
CA GLN A 123 -4.24 7.71 -8.00
C GLN A 123 -3.50 8.43 -9.15
N HIS A 124 -3.70 7.95 -10.37
N HIS A 124 -3.67 7.96 -10.39
CA HIS A 124 -3.27 8.65 -11.56
CA HIS A 124 -3.19 8.70 -11.57
C HIS A 124 -4.28 9.79 -11.76
C HIS A 124 -4.23 9.79 -11.84
N LEU A 125 -3.84 11.02 -11.53
CA LEU A 125 -4.71 12.21 -11.63
C LEU A 125 -5.09 12.56 -13.07
N SER A 126 -6.38 12.86 -13.23
CA SER A 126 -6.88 13.44 -14.49
C SER A 126 -6.20 14.78 -14.75
N ASN A 127 -6.08 15.18 -16.02
CA ASN A 127 -5.49 16.48 -16.28
C ASN A 127 -6.30 17.62 -15.66
N ASP A 128 -7.62 17.46 -15.58
CA ASP A 128 -8.42 18.46 -14.88
C ASP A 128 -7.99 18.59 -13.42
N HIS A 129 -7.57 17.48 -12.83
CA HIS A 129 -7.21 17.49 -11.45
C HIS A 129 -5.84 18.13 -11.28
N ILE A 130 -4.88 17.73 -12.09
CA ILE A 130 -3.55 18.28 -11.97
C ILE A 130 -3.70 19.78 -12.08
N CYS A 131 -4.53 20.24 -13.01
CA CYS A 131 -4.66 21.65 -13.30
C CYS A 131 -5.23 22.42 -12.17
N TYR A 132 -6.35 21.96 -11.65
CA TYR A 132 -7.12 22.68 -10.64
C TYR A 132 -6.35 22.64 -9.34
N PHE A 133 -5.59 21.56 -9.12
CA PHE A 133 -4.78 21.49 -7.92
C PHE A 133 -3.67 22.53 -8.06
N LEU A 134 -2.98 22.55 -9.19
CA LEU A 134 -1.91 23.51 -9.36
C LEU A 134 -2.41 24.96 -9.24
N TYR A 135 -3.59 25.23 -9.78
CA TYR A 135 -4.11 26.57 -9.65
C TYR A 135 -4.17 26.92 -8.17
N GLN A 136 -4.70 26.01 -7.34
CA GLN A 136 -4.91 26.33 -5.95
C GLN A 136 -3.60 26.45 -5.18
N ILE A 137 -2.57 25.68 -5.54
CA ILE A 137 -1.30 25.80 -4.82
C ILE A 137 -0.78 27.25 -5.06
N LEU A 138 -0.76 27.68 -6.31
CA LEU A 138 -0.24 28.98 -6.65
C LEU A 138 -1.07 30.14 -6.07
N ARG A 139 -2.38 29.93 -5.97
CA ARG A 139 -3.26 30.99 -5.48
C ARG A 139 -2.94 31.22 -4.03
N GLY A 140 -2.78 30.14 -3.28
CA GLY A 140 -2.42 30.27 -1.89
C GLY A 140 -1.01 30.82 -1.81
N LEU A 141 -0.14 30.31 -2.64
CA LEU A 141 1.21 30.78 -2.56
C LEU A 141 1.31 32.28 -2.83
N LYS A 142 0.54 32.79 -3.78
CA LYS A 142 0.52 34.25 -4.09
C LYS A 142 0.41 35.09 -2.84
N TYR A 143 -0.49 34.65 -2.00
CA TYR A 143 -0.85 35.30 -0.79
C TYR A 143 0.24 35.17 0.22
N ILE A 144 0.71 33.94 0.46
CA ILE A 144 1.91 33.68 1.31
C ILE A 144 3.09 34.63 0.99
N HIS A 145 3.47 34.65 -0.29
CA HIS A 145 4.54 35.47 -0.77
C HIS A 145 4.26 36.97 -0.61
N SER A 146 3.06 37.40 -0.96
CA SER A 146 2.70 38.78 -0.78
C SER A 146 2.85 39.21 0.68
N ALA A 147 2.73 38.28 1.64
CA ALA A 147 2.93 38.56 3.06
C ALA A 147 4.37 38.69 3.48
N ASN A 148 5.30 38.53 2.50
CA ASN A 148 6.76 38.45 2.69
C ASN A 148 7.12 37.18 3.44
N VAL A 149 6.30 36.16 3.28
CA VAL A 149 6.57 34.90 3.91
C VAL A 149 7.16 33.91 2.93
N LEU A 150 8.12 33.11 3.39
CA LEU A 150 8.58 31.95 2.63
C LEU A 150 8.08 30.73 3.35
N HIS A 151 7.50 29.75 2.63
CA HIS A 151 6.92 28.55 3.28
C HIS A 151 8.00 27.54 3.64
N ARG A 152 8.86 27.27 2.66
CA ARG A 152 10.12 26.52 2.82
C ARG A 152 9.97 24.98 2.99
N ASP A 153 8.77 24.44 2.78
CA ASP A 153 8.59 23.00 2.86
C ASP A 153 7.38 22.60 2.09
N LEU A 154 7.15 23.21 0.93
CA LEU A 154 6.06 22.67 0.10
C LEU A 154 6.40 21.26 -0.41
N LYS A 155 5.43 20.37 -0.30
CA LYS A 155 5.54 19.03 -0.80
C LYS A 155 4.16 18.40 -0.67
N PRO A 156 3.94 17.28 -1.38
CA PRO A 156 2.56 16.81 -1.51
C PRO A 156 1.88 16.61 -0.18
N SER A 157 2.59 16.12 0.82
CA SER A 157 1.93 15.84 2.08
C SER A 157 1.67 17.12 2.91
N ASN A 158 2.10 18.30 2.45
CA ASN A 158 1.62 19.48 3.10
C ASN A 158 0.54 20.14 2.27
N LEU A 159 -0.05 19.40 1.33
CA LEU A 159 -1.18 19.97 0.61
C LEU A 159 -2.46 19.17 0.94
N LEU A 160 -3.24 19.70 1.90
CA LEU A 160 -4.44 18.99 2.38
C LEU A 160 -5.57 19.05 1.33
N LEU A 161 -6.44 18.06 1.34
CA LEU A 161 -7.43 17.89 0.29
C LEU A 161 -8.72 17.36 0.87
N ASN A 162 -9.82 17.86 0.33
CA ASN A 162 -11.12 17.32 0.69
C ASN A 162 -11.87 16.83 -0.57
N THR A 163 -13.07 16.28 -0.41
CA THR A 163 -13.58 15.56 -1.48
C THR A 163 -14.22 16.47 -2.49
N THR A 164 -14.27 17.75 -2.25
CA THR A 164 -14.76 18.62 -3.32
C THR A 164 -13.52 19.23 -4.00
N CYS A 165 -12.34 18.64 -3.72
CA CYS A 165 -11.13 19.04 -4.42
C CYS A 165 -10.64 20.42 -3.98
N ASP A 166 -11.12 20.89 -2.85
CA ASP A 166 -10.49 22.07 -2.22
C ASP A 166 -9.13 21.69 -1.73
N LEU A 167 -8.17 22.59 -1.93
CA LEU A 167 -6.77 22.26 -1.57
C LEU A 167 -6.30 23.32 -0.61
N LYS A 168 -5.70 22.93 0.51
CA LYS A 168 -5.16 23.91 1.48
C LYS A 168 -3.76 23.54 1.84
N ILE A 169 -2.88 24.54 1.82
CA ILE A 169 -1.50 24.38 2.20
C ILE A 169 -1.42 24.40 3.70
N CYS A 170 -0.62 23.49 4.30
CA CYS A 170 -0.54 23.43 5.75
C CYS A 170 0.90 23.33 6.18
N ASP A 171 1.14 22.98 7.45
CA ASP A 171 2.53 22.88 8.04
C ASP A 171 3.50 24.04 7.79
N PHE A 172 3.31 25.10 8.57
CA PHE A 172 4.11 26.31 8.45
C PHE A 172 5.23 26.37 9.48
N GLY A 173 5.50 25.26 10.18
CA GLY A 173 6.61 25.24 11.12
C GLY A 173 7.93 25.63 10.48
N LEU A 174 8.13 25.33 9.21
CA LEU A 174 9.39 25.70 8.58
C LEU A 174 9.33 27.08 7.90
N ALA A 175 8.19 27.76 8.03
CA ALA A 175 8.05 29.09 7.38
C ALA A 175 8.71 30.22 8.13
N ARG A 176 8.82 31.36 7.48
CA ARG A 176 9.64 32.44 7.99
C ARG A 176 9.28 33.72 7.22
N VAL A 177 9.38 34.87 7.88
CA VAL A 177 9.28 36.16 7.21
C VAL A 177 10.67 36.53 6.66
N ALA A 178 10.71 37.23 5.53
CA ALA A 178 11.92 37.84 5.12
C ALA A 178 11.50 39.07 4.43
N ASP A 179 11.48 40.15 5.21
CA ASP A 179 11.08 41.47 4.75
C ASP A 179 12.12 42.00 3.76
N PRO A 180 11.72 42.28 2.50
CA PRO A 180 12.73 42.64 1.47
C PRO A 180 13.29 44.08 1.57
N ASP A 181 13.02 44.78 2.66
CA ASP A 181 13.56 46.11 2.78
C ASP A 181 14.86 45.96 3.50
N HIS A 182 15.11 44.73 3.97
CA HIS A 182 16.38 44.35 4.55
C HIS A 182 17.06 43.28 3.74
N ASP A 183 18.39 43.25 3.84
CA ASP A 183 19.16 42.23 3.15
C ASP A 183 19.36 41.02 4.05
N HIS A 184 19.00 39.87 3.50
CA HIS A 184 18.99 38.64 4.26
C HIS A 184 20.12 37.71 3.92
N THR A 185 21.05 38.12 3.03
CA THR A 185 22.15 37.23 2.60
C THR A 185 23.01 36.91 3.83
N GLY A 186 23.20 35.60 4.06
CA GLY A 186 23.83 35.11 5.30
C GLY A 186 22.97 34.93 6.56
N PHE A 187 21.74 35.43 6.57
CA PHE A 187 20.87 35.40 7.78
C PHE A 187 19.86 34.22 7.82
N LEU A 188 19.60 33.63 6.67
CA LEU A 188 18.58 32.62 6.53
C LEU A 188 19.10 31.27 7.04
N TPO A 189 18.23 30.44 7.62
CA TPO A 189 18.66 29.14 8.08
CB TPO A 189 17.55 28.48 8.85
CG2 TPO A 189 17.92 27.13 9.49
OG1 TPO A 189 17.28 29.36 9.92
P TPO A 189 15.87 30.10 10.02
O1P TPO A 189 16.07 30.94 11.29
O2P TPO A 189 15.89 30.93 8.76
O3P TPO A 189 14.77 29.07 10.05
C TPO A 189 19.02 28.28 6.91
O TPO A 189 18.35 28.34 5.87
N GLU A 190 20.07 27.49 7.06
CA GLU A 190 20.66 26.85 5.92
C GLU A 190 20.05 25.56 5.36
N PTR A 191 19.48 24.71 6.19
CA PTR A 191 19.09 23.41 5.64
C PTR A 191 17.58 23.32 5.60
O PTR A 191 16.93 22.75 6.48
CB PTR A 191 19.73 22.39 6.57
CG PTR A 191 19.67 20.93 6.20
CD1 PTR A 191 19.29 20.00 7.18
CD2 PTR A 191 20.03 20.46 4.91
CE1 PTR A 191 19.25 18.65 6.92
CE2 PTR A 191 19.96 19.10 4.63
CZ PTR A 191 19.56 18.19 5.65
OH PTR A 191 19.52 16.95 5.50
P PTR A 191 18.59 16.11 4.47
O1P PTR A 191 19.23 16.00 3.16
O2P PTR A 191 18.58 14.69 5.03
O3P PTR A 191 17.17 16.69 4.43
N VAL A 192 16.97 23.89 4.58
CA VAL A 192 15.55 24.00 4.64
C VAL A 192 14.97 23.22 3.47
N ALA A 193 13.64 23.06 3.48
CA ALA A 193 12.84 22.25 2.53
C ALA A 193 13.12 20.75 2.68
N THR A 194 12.14 19.91 2.34
CA THR A 194 12.36 18.47 2.30
C THR A 194 13.20 18.16 1.05
N ARG A 195 14.19 17.30 1.23
CA ARG A 195 15.26 17.09 0.21
C ARG A 195 14.83 17.03 -1.23
N TRP A 196 13.92 16.11 -1.51
CA TRP A 196 13.51 15.98 -2.87
C TRP A 196 12.86 17.25 -3.42
N TYR A 197 12.62 18.26 -2.59
CA TYR A 197 11.86 19.41 -3.00
C TYR A 197 12.71 20.68 -2.83
N ARG A 198 14.02 20.44 -2.73
CA ARG A 198 14.91 21.47 -2.25
C ARG A 198 15.56 22.07 -3.48
N ALA A 199 15.45 23.37 -3.61
CA ALA A 199 15.94 24.09 -4.75
C ALA A 199 17.46 24.10 -4.82
N PRO A 200 18.04 24.09 -6.03
CA PRO A 200 19.49 23.91 -6.10
C PRO A 200 20.27 24.98 -5.32
N GLU A 201 19.75 26.20 -5.31
CA GLU A 201 20.47 27.27 -4.67
C GLU A 201 20.62 27.03 -3.17
N ILE A 202 19.69 26.33 -2.54
CA ILE A 202 19.79 26.10 -1.11
C ILE A 202 21.06 25.36 -0.76
N MET A 203 21.45 24.37 -1.56
CA MET A 203 22.69 23.64 -1.35
C MET A 203 23.83 24.31 -2.07
N LEU A 204 23.62 25.49 -2.68
CA LEU A 204 24.61 26.15 -3.50
C LEU A 204 24.90 27.62 -3.07
N ASN A 205 23.88 28.49 -3.02
CA ASN A 205 23.92 29.84 -2.41
C ASN A 205 23.47 29.79 -0.94
N SER A 206 24.26 29.07 -0.15
CA SER A 206 23.99 28.81 1.28
C SER A 206 23.57 30.09 2.06
N LYS A 207 22.40 30.00 2.72
CA LYS A 207 21.88 31.15 3.47
C LYS A 207 21.57 32.42 2.59
N GLY A 208 21.54 32.29 1.26
CA GLY A 208 21.20 33.44 0.40
C GLY A 208 20.00 33.29 -0.55
N TYR A 209 19.19 32.25 -0.31
CA TYR A 209 18.05 31.94 -1.15
C TYR A 209 16.91 32.95 -0.91
N THR A 210 15.83 32.83 -1.67
CA THR A 210 14.69 33.75 -1.60
C THR A 210 13.34 33.01 -1.73
N LYS A 211 12.25 33.76 -1.80
CA LYS A 211 11.00 33.09 -1.81
C LYS A 211 10.85 32.19 -3.05
N SER A 212 11.72 32.33 -4.06
CA SER A 212 11.58 31.42 -5.20
C SER A 212 11.92 30.00 -4.92
N ILE A 213 12.44 29.68 -3.74
CA ILE A 213 12.63 28.25 -3.48
C ILE A 213 11.25 27.57 -3.44
N ASP A 214 10.24 28.31 -3.00
CA ASP A 214 8.86 27.79 -2.97
C ASP A 214 8.42 27.45 -4.39
N ILE A 215 8.87 28.23 -5.39
CA ILE A 215 8.46 27.94 -6.73
C ILE A 215 9.06 26.62 -7.19
N TRP A 216 10.37 26.47 -7.00
CA TRP A 216 11.02 25.20 -7.26
C TRP A 216 10.25 24.03 -6.65
N SER A 217 9.85 24.14 -5.37
CA SER A 217 9.05 23.04 -4.83
C SER A 217 7.75 22.82 -5.61
N VAL A 218 7.07 23.89 -6.01
CA VAL A 218 5.82 23.66 -6.71
C VAL A 218 6.15 22.94 -8.02
N GLY A 219 7.23 23.38 -8.68
CA GLY A 219 7.82 22.66 -9.79
C GLY A 219 7.92 21.17 -9.49
N CYS A 220 8.61 20.79 -8.43
CA CYS A 220 8.71 19.37 -8.16
C CYS A 220 7.36 18.73 -7.93
N ILE A 221 6.42 19.43 -7.29
CA ILE A 221 5.10 18.83 -7.11
C ILE A 221 4.35 18.57 -8.45
N LEU A 222 4.39 19.53 -9.35
CA LEU A 222 3.72 19.36 -10.62
C LEU A 222 4.31 18.13 -11.31
N ALA A 223 5.66 18.03 -11.32
CA ALA A 223 6.31 16.89 -11.99
C ALA A 223 5.78 15.65 -11.34
N GLU A 224 5.72 15.63 -10.01
CA GLU A 224 5.15 14.49 -9.30
C GLU A 224 3.68 14.20 -9.67
N MET A 225 2.84 15.22 -9.84
CA MET A 225 1.47 14.98 -10.18
C MET A 225 1.34 14.42 -11.58
N LEU A 226 2.37 14.59 -12.42
CA LEU A 226 2.31 14.13 -13.81
C LEU A 226 2.69 12.66 -13.91
N SER A 227 3.47 12.15 -12.97
CA SER A 227 3.86 10.77 -13.14
C SER A 227 3.79 9.94 -11.91
N ASN A 228 3.24 10.48 -10.83
CA ASN A 228 3.19 9.74 -9.57
C ASN A 228 4.53 9.21 -9.08
N ARG A 229 5.57 9.99 -9.21
CA ARG A 229 6.89 9.59 -8.78
C ARG A 229 7.64 10.90 -8.50
N PRO A 230 8.45 10.96 -7.44
CA PRO A 230 9.17 12.21 -7.25
C PRO A 230 10.13 12.36 -8.41
N ILE A 231 10.38 13.57 -8.87
CA ILE A 231 11.16 13.75 -10.04
C ILE A 231 12.61 13.70 -9.65
N PHE A 232 12.96 14.15 -8.44
CA PHE A 232 14.39 14.18 -8.02
C PHE A 232 14.71 13.50 -6.68
N PRO A 233 14.60 12.16 -6.62
CA PRO A 233 14.70 11.45 -5.34
C PRO A 233 16.14 11.22 -4.86
N GLY A 234 16.88 12.30 -4.61
CA GLY A 234 18.29 12.17 -4.18
C GLY A 234 18.37 11.57 -2.81
N LYS A 235 19.46 10.85 -2.53
CA LYS A 235 19.71 10.22 -1.22
C LYS A 235 20.37 11.07 -0.15
N HIS A 236 20.95 12.20 -0.52
CA HIS A 236 21.69 13.12 0.38
C HIS A 236 21.97 14.46 -0.38
N TYR A 237 22.56 15.49 0.21
CA TYR A 237 22.61 16.76 -0.57
C TYR A 237 23.43 16.61 -1.88
N LEU A 238 24.53 15.88 -1.81
CA LEU A 238 25.25 15.81 -3.02
C LEU A 238 24.46 15.04 -4.07
N ASP A 239 23.78 13.99 -3.68
CA ASP A 239 23.06 13.18 -4.67
C ASP A 239 21.83 13.92 -5.24
N GLN A 240 21.37 14.92 -4.47
CA GLN A 240 20.16 15.67 -4.79
C GLN A 240 20.55 16.54 -5.96
N LEU A 241 21.62 17.32 -5.77
CA LEU A 241 22.29 18.03 -6.84
C LEU A 241 22.50 17.11 -8.05
N ASN A 242 23.12 15.97 -7.86
CA ASN A 242 23.17 15.01 -8.92
C ASN A 242 21.87 14.78 -9.69
N HIS A 243 20.77 14.54 -9.00
CA HIS A 243 19.53 14.23 -9.67
C HIS A 243 18.99 15.42 -10.46
N ILE A 244 19.20 16.64 -9.97
CA ILE A 244 18.75 17.83 -10.70
C ILE A 244 19.54 18.03 -12.02
N LEU A 245 20.90 17.98 -11.94
CA LEU A 245 21.72 18.25 -13.12
C LEU A 245 21.54 17.09 -14.07
N GLY A 246 21.21 15.93 -13.53
CA GLY A 246 20.88 14.81 -14.38
C GLY A 246 19.71 15.02 -15.31
N ILE A 247 18.94 16.07 -15.13
CA ILE A 247 17.75 16.30 -15.95
C ILE A 247 17.74 17.70 -16.57
N LEU A 248 18.06 18.70 -15.76
CA LEU A 248 18.22 20.03 -16.32
C LEU A 248 19.46 20.10 -17.21
N GLY A 249 20.40 19.18 -16.97
CA GLY A 249 21.70 19.18 -17.65
C GLY A 249 22.63 20.07 -16.88
N SER A 250 23.92 20.02 -17.17
CA SER A 250 24.87 20.96 -16.59
C SER A 250 24.42 22.40 -16.76
N PRO A 251 24.71 23.25 -15.76
CA PRO A 251 24.29 24.66 -15.86
C PRO A 251 25.08 25.36 -16.93
N SER A 252 24.44 26.36 -17.53
CA SER A 252 25.07 27.19 -18.57
C SER A 252 26.29 27.93 -18.03
N GLN A 253 27.01 28.60 -18.91
CA GLN A 253 28.11 29.41 -18.41
C GLN A 253 27.66 30.72 -17.69
N GLU A 254 26.61 31.35 -18.22
CA GLU A 254 25.98 32.51 -17.60
C GLU A 254 25.50 32.15 -16.17
N ASP A 255 24.62 31.14 -16.13
CA ASP A 255 24.05 30.57 -14.89
C ASP A 255 25.10 30.23 -13.89
N LEU A 256 26.16 29.58 -14.33
CA LEU A 256 27.22 29.24 -13.45
C LEU A 256 27.88 30.48 -12.85
N ASN A 257 28.07 31.51 -13.67
N ASN A 257 28.07 31.52 -13.65
CA ASN A 257 28.81 32.71 -13.22
CA ASN A 257 28.81 32.68 -13.14
C ASN A 257 27.91 33.60 -12.35
C ASN A 257 27.88 33.63 -12.41
N CYS A 258 26.73 33.08 -12.04
CA CYS A 258 25.82 33.67 -11.07
C CYS A 258 25.78 32.88 -9.74
N ILE A 259 26.60 31.84 -9.61
CA ILE A 259 26.74 31.18 -8.33
C ILE A 259 27.58 32.10 -7.49
N ILE A 260 27.03 32.51 -6.37
CA ILE A 260 27.66 33.41 -5.44
C ILE A 260 28.83 32.71 -4.75
N ASN A 261 28.61 31.48 -4.30
CA ASN A 261 29.55 30.85 -3.45
C ASN A 261 30.58 30.12 -4.28
N LEU A 262 31.85 30.44 -4.05
CA LEU A 262 32.93 30.01 -4.95
C LEU A 262 33.27 28.54 -4.83
N LYS A 263 33.24 28.02 -3.61
CA LYS A 263 33.31 26.58 -3.42
C LYS A 263 32.24 25.78 -4.17
N ALA A 264 31.02 26.33 -4.27
CA ALA A 264 29.94 25.66 -5.04
C ALA A 264 30.26 25.68 -6.52
N ARG A 265 30.61 26.86 -7.03
N ARG A 265 30.63 26.85 -7.04
CA ARG A 265 31.07 27.04 -8.40
CA ARG A 265 31.02 26.96 -8.43
C ARG A 265 32.18 26.07 -8.76
C ARG A 265 32.18 26.03 -8.76
N ASN A 266 33.13 25.92 -7.85
CA ASN A 266 34.29 25.05 -8.06
C ASN A 266 33.83 23.61 -8.20
N TYR A 267 32.98 23.19 -7.29
CA TYR A 267 32.37 21.87 -7.35
C TYR A 267 31.54 21.64 -8.64
N LEU A 268 30.77 22.64 -9.06
CA LEU A 268 30.00 22.47 -10.26
C LEU A 268 30.93 22.20 -11.46
N LEU A 269 32.03 22.95 -11.52
CA LEU A 269 33.05 22.70 -12.52
C LEU A 269 33.70 21.31 -12.42
N SER A 270 33.73 20.74 -11.23
CA SER A 270 34.37 19.44 -11.11
C SER A 270 33.55 18.34 -11.79
N LEU A 271 32.33 18.64 -12.25
CA LEU A 271 31.42 17.56 -12.67
C LEU A 271 31.44 17.31 -14.18
N PRO A 272 31.38 16.01 -14.63
CA PRO A 272 31.28 15.69 -16.06
C PRO A 272 30.12 16.46 -16.65
N HIS A 273 30.22 16.82 -17.92
CA HIS A 273 29.10 17.44 -18.58
C HIS A 273 27.84 16.52 -18.55
N LYS A 274 26.66 17.13 -18.53
CA LYS A 274 25.41 16.39 -18.73
C LYS A 274 24.47 17.10 -19.67
N ASN A 275 23.85 16.32 -20.55
CA ASN A 275 22.80 16.79 -21.45
C ASN A 275 21.50 17.07 -20.66
N LYS A 276 20.82 18.14 -21.02
CA LYS A 276 19.43 18.34 -20.61
C LYS A 276 18.60 17.14 -21.09
N VAL A 277 17.70 16.65 -20.25
CA VAL A 277 16.70 15.69 -20.70
C VAL A 277 15.39 16.40 -21.04
N PRO A 278 14.89 16.26 -22.28
CA PRO A 278 13.76 17.05 -22.69
C PRO A 278 12.52 16.68 -21.95
N TRP A 279 11.77 17.70 -21.55
CA TRP A 279 10.59 17.49 -20.75
C TRP A 279 9.62 16.44 -21.28
N ASN A 280 9.37 16.44 -22.59
CA ASN A 280 8.41 15.46 -23.13
C ASN A 280 9.03 14.09 -23.32
N ARG A 281 10.34 13.99 -23.28
CA ARG A 281 10.95 12.65 -23.17
C ARG A 281 10.55 12.07 -21.81
N LEU A 282 10.64 12.85 -20.74
CA LEU A 282 10.16 12.40 -19.42
C LEU A 282 8.67 12.23 -19.31
N PHE A 283 7.90 13.15 -19.89
CA PHE A 283 6.47 13.10 -19.71
C PHE A 283 5.79 13.08 -21.07
N PRO A 284 5.83 11.93 -21.77
CA PRO A 284 5.32 11.92 -23.16
C PRO A 284 3.80 12.12 -23.25
N ASN A 285 3.12 11.88 -22.13
CA ASN A 285 1.67 12.00 -22.09
C ASN A 285 1.16 13.32 -21.57
N ALA A 286 2.06 14.10 -20.99
CA ALA A 286 1.67 15.34 -20.33
C ALA A 286 1.28 16.39 -21.36
N ASP A 287 0.30 17.20 -20.96
CA ASP A 287 -0.18 18.36 -21.70
C ASP A 287 0.99 19.28 -21.90
N SER A 288 1.19 19.78 -23.10
CA SER A 288 2.49 20.40 -23.37
C SER A 288 2.61 21.83 -22.83
N LYS A 289 1.50 22.36 -22.35
CA LYS A 289 1.49 23.68 -21.74
C LYS A 289 1.88 23.53 -20.27
N ALA A 290 1.30 22.53 -19.62
CA ALA A 290 1.85 22.02 -18.35
C ALA A 290 3.38 21.88 -18.41
N LEU A 291 3.92 21.28 -19.46
CA LEU A 291 5.35 21.11 -19.58
C LEU A 291 6.09 22.43 -19.78
N ASP A 292 5.42 23.38 -20.43
CA ASP A 292 5.99 24.70 -20.54
C ASP A 292 6.07 25.34 -19.14
N LEU A 293 4.97 25.33 -18.38
CA LEU A 293 5.01 25.94 -17.05
C LEU A 293 6.07 25.26 -16.16
N LEU A 294 6.13 23.94 -16.27
CA LEU A 294 7.06 23.13 -15.48
C LEU A 294 8.49 23.58 -15.80
N ASP A 295 8.78 23.81 -17.06
CA ASP A 295 10.11 24.25 -17.45
C ASP A 295 10.41 25.54 -16.70
N LYS A 296 9.44 26.44 -16.67
CA LYS A 296 9.62 27.78 -16.09
C LYS A 296 9.89 27.74 -14.60
N MET A 297 9.31 26.75 -13.91
CA MET A 297 9.43 26.70 -12.47
C MET A 297 10.65 25.92 -12.11
N LEU A 298 11.05 24.97 -12.93
CA LEU A 298 12.19 24.14 -12.56
C LEU A 298 13.32 24.71 -13.33
N THR A 299 13.58 25.99 -13.12
CA THR A 299 14.70 26.69 -13.74
C THR A 299 15.86 26.75 -12.76
N PHE A 300 16.98 26.18 -13.10
CA PHE A 300 18.15 26.22 -12.21
C PHE A 300 18.48 27.54 -11.52
N ASN A 301 18.54 28.62 -12.28
CA ASN A 301 18.81 29.98 -11.81
C ASN A 301 17.59 30.65 -11.15
N PRO A 302 17.64 30.86 -9.82
CA PRO A 302 16.43 31.43 -9.16
C PRO A 302 15.99 32.78 -9.75
N HIS A 303 16.89 33.48 -10.42
CA HIS A 303 16.54 34.76 -11.02
C HIS A 303 15.78 34.70 -12.34
N LYS A 304 15.99 33.65 -13.10
CA LYS A 304 15.22 33.43 -14.28
C LYS A 304 13.99 32.55 -13.96
N ARG A 305 13.68 32.31 -12.70
CA ARG A 305 12.70 31.26 -12.48
C ARG A 305 11.38 31.97 -12.41
N ILE A 306 10.31 31.41 -12.94
CA ILE A 306 9.05 32.14 -12.94
C ILE A 306 8.62 32.48 -11.50
N GLU A 307 7.87 33.58 -11.35
CA GLU A 307 7.37 34.00 -10.04
C GLU A 307 5.88 33.64 -9.87
N VAL A 308 5.37 33.62 -8.64
CA VAL A 308 3.99 33.24 -8.41
C VAL A 308 2.94 33.97 -9.27
N GLU A 309 2.95 35.29 -9.35
CA GLU A 309 1.91 36.05 -10.11
C GLU A 309 1.99 35.79 -11.66
N GLN A 310 3.17 35.45 -12.16
CA GLN A 310 3.35 35.11 -13.57
C GLN A 310 2.89 33.70 -13.83
N ALA A 311 3.17 32.80 -12.88
CA ALA A 311 2.72 31.43 -13.04
C ALA A 311 1.22 31.36 -13.09
N LEU A 312 0.53 32.11 -12.26
CA LEU A 312 -0.94 32.15 -12.37
C LEU A 312 -1.41 32.59 -13.77
N ALA A 313 -0.72 33.56 -14.36
CA ALA A 313 -1.08 34.07 -15.70
C ALA A 313 -0.70 33.13 -16.83
N HIS A 314 -0.09 31.98 -16.54
CA HIS A 314 0.44 31.10 -17.62
C HIS A 314 -0.73 30.49 -18.35
N PRO A 315 -0.60 30.26 -19.67
CA PRO A 315 -1.64 29.61 -20.49
C PRO A 315 -2.26 28.32 -19.90
N TYR A 316 -1.51 27.50 -19.20
CA TYR A 316 -2.10 26.31 -18.61
C TYR A 316 -3.26 26.62 -17.62
N LEU A 317 -3.15 27.70 -16.86
CA LEU A 317 -4.20 27.93 -15.86
C LEU A 317 -5.31 28.86 -16.35
N GLU A 318 -5.38 29.08 -17.67
CA GLU A 318 -6.31 30.07 -18.19
C GLU A 318 -7.75 29.83 -17.75
N GLN A 319 -8.16 28.58 -17.59
CA GLN A 319 -9.53 28.29 -17.15
C GLN A 319 -9.89 28.87 -15.80
N TYR A 320 -8.92 29.04 -14.90
CA TYR A 320 -9.19 29.49 -13.52
C TYR A 320 -8.68 30.88 -13.14
N TYR A 321 -7.65 31.31 -13.86
CA TYR A 321 -6.98 32.56 -13.61
C TYR A 321 -7.92 33.75 -13.48
N ASP A 322 -8.04 34.29 -12.28
CA ASP A 322 -8.81 35.50 -12.07
C ASP A 322 -8.15 36.39 -11.01
N PRO A 323 -7.23 37.28 -11.44
CA PRO A 323 -6.55 38.24 -10.59
C PRO A 323 -7.47 38.93 -9.61
N SER A 324 -8.64 39.35 -10.04
CA SER A 324 -9.58 39.96 -9.08
C SER A 324 -10.02 38.97 -7.97
N ASP A 325 -9.76 37.68 -8.16
CA ASP A 325 -10.15 36.63 -7.21
C ASP A 325 -8.96 35.83 -6.65
N GLU A 326 -7.80 36.46 -6.68
CA GLU A 326 -6.60 35.92 -6.06
C GLU A 326 -5.98 36.98 -5.12
N PRO A 327 -6.54 37.08 -3.90
CA PRO A 327 -6.16 38.08 -2.91
C PRO A 327 -4.75 37.96 -2.39
N ILE A 328 -4.20 39.13 -2.05
CA ILE A 328 -2.95 39.26 -1.32
C ILE A 328 -3.14 39.64 0.15
N ALA A 329 -2.07 39.53 0.94
CA ALA A 329 -2.16 39.90 2.34
C ALA A 329 -2.22 41.43 2.48
N GLU A 330 -3.14 41.91 3.32
CA GLU A 330 -3.33 43.36 3.43
C GLU A 330 -2.24 43.98 4.30
N ALA A 331 -1.80 43.26 5.30
CA ALA A 331 -0.75 43.73 6.18
C ALA A 331 0.47 42.83 6.02
N PRO A 332 1.40 43.18 5.12
CA PRO A 332 2.55 42.25 4.97
C PRO A 332 3.41 42.26 6.22
N PHE A 333 4.12 41.18 6.52
CA PHE A 333 4.94 41.11 7.73
C PHE A 333 6.23 41.87 7.55
N LYS A 334 6.80 42.34 8.64
CA LYS A 334 7.93 43.23 8.53
C LYS A 334 9.12 42.76 9.31
N PHE A 335 10.26 43.36 9.07
CA PHE A 335 11.48 42.90 9.68
C PHE A 335 11.44 42.59 11.18
N ASP A 336 10.74 43.39 11.98
CA ASP A 336 10.74 43.21 13.45
C ASP A 336 10.10 41.90 13.89
N MET A 337 9.18 41.38 13.10
CA MET A 337 8.60 40.14 13.44
C MET A 337 9.59 38.98 13.21
N GLU A 338 10.66 39.20 12.45
CA GLU A 338 11.71 38.18 12.20
C GLU A 338 12.68 37.92 13.36
N LEU A 339 12.62 38.70 14.43
CA LEU A 339 13.68 38.66 15.44
C LEU A 339 13.41 37.66 16.54
N ASP A 340 13.27 36.39 16.18
CA ASP A 340 12.93 35.42 17.19
C ASP A 340 14.13 34.62 17.69
N ASP A 341 15.33 35.16 17.52
CA ASP A 341 16.52 34.53 18.08
C ASP A 341 16.65 34.81 19.56
N LEU A 342 15.79 34.21 20.39
CA LEU A 342 15.71 34.56 21.81
C LEU A 342 15.74 33.33 22.71
N PRO A 343 16.11 33.48 23.99
CA PRO A 343 16.04 32.30 24.88
C PRO A 343 14.69 31.53 24.88
N LYS A 344 14.78 30.20 24.93
CA LYS A 344 13.60 29.36 24.98
C LYS A 344 12.60 29.87 26.04
N GLU A 345 13.08 30.41 27.16
CA GLU A 345 12.15 30.94 28.19
C GLU A 345 11.33 32.14 27.67
N LYS A 346 12.00 33.02 26.93
CA LYS A 346 11.34 34.20 26.42
C LYS A 346 10.40 33.83 25.28
N LEU A 347 10.73 32.77 24.53
CA LEU A 347 9.93 32.41 23.42
C LEU A 347 8.67 31.88 24.03
N LYS A 348 8.81 31.13 25.13
CA LYS A 348 7.67 30.60 25.83
C LYS A 348 6.73 31.72 26.25
N GLU A 349 7.25 32.80 26.82
CA GLU A 349 6.40 33.96 27.10
C GLU A 349 5.73 34.51 25.86
N LEU A 350 6.43 34.56 24.73
CA LEU A 350 5.81 35.08 23.56
C LEU A 350 4.67 34.16 23.10
N ILE A 351 4.86 32.84 23.23
CA ILE A 351 3.83 31.87 22.83
C ILE A 351 2.64 32.01 23.79
N PHE A 352 2.96 32.13 25.07
CA PHE A 352 1.95 32.39 26.03
C PHE A 352 1.10 33.61 25.68
N GLU A 353 1.74 34.74 25.34
CA GLU A 353 0.97 35.92 25.06
C GLU A 353 0.19 35.89 23.72
N GLU A 354 0.67 35.14 22.73
CA GLU A 354 -0.03 35.00 21.46
C GLU A 354 -1.25 34.15 21.58
N THR A 355 -1.24 33.19 22.50
CA THR A 355 -2.31 32.22 22.59
C THR A 355 -3.39 32.70 23.58
N ALA A 356 -3.10 33.77 24.32
CA ALA A 356 -4.08 34.24 25.31
C ALA A 356 -5.48 34.43 24.73
N ARG A 357 -5.57 34.90 23.50
CA ARG A 357 -6.84 35.35 23.04
C ARG A 357 -7.81 34.19 22.86
N PHE A 358 -7.32 32.94 23.00
CA PHE A 358 -8.21 31.76 22.91
C PHE A 358 -8.56 31.19 24.30
N GLN A 359 -8.02 31.73 25.39
CA GLN A 359 -8.29 31.25 26.76
C GLN A 359 -9.76 31.49 27.15
N PRO A 360 -10.36 30.58 27.93
CA PRO A 360 -11.78 30.76 28.27
C PRO A 360 -11.95 32.06 28.94
N GLY A 361 -12.94 32.85 28.50
CA GLY A 361 -13.37 34.12 29.11
C GLY A 361 -12.63 35.34 28.63
N TYR A 362 -11.59 35.14 27.82
CA TYR A 362 -10.82 36.29 27.38
C TYR A 362 -11.69 37.43 26.83
N ARG A 363 -11.40 38.65 27.25
CA ARG A 363 -12.21 39.78 26.79
C ARG A 363 -11.42 40.67 25.83
N SER A 364 -11.94 40.66 24.59
CA SER A 364 -11.56 41.44 23.38
C SER A 364 -11.05 40.51 22.28
N ASP B 13 20.09 -12.84 -1.67
CA ASP B 13 20.91 -11.59 -1.84
C ASP B 13 20.81 -10.57 -0.68
N LEU B 14 21.60 -10.84 0.36
CA LEU B 14 21.31 -10.36 1.70
C LEU B 14 21.60 -8.91 1.90
N GLY B 15 22.73 -8.46 1.32
CA GLY B 15 23.23 -7.09 1.46
C GLY B 15 22.11 -6.11 1.15
N LYS B 16 21.60 -6.23 -0.07
CA LYS B 16 20.41 -5.53 -0.49
C LYS B 16 19.31 -5.50 0.59
N LYS B 17 18.85 -6.64 1.05
CA LYS B 17 17.80 -6.67 2.06
C LYS B 17 18.22 -5.93 3.32
N LEU B 18 19.51 -5.99 3.69
CA LEU B 18 20.06 -5.31 4.86
C LEU B 18 20.18 -3.77 4.68
N LEU B 19 20.63 -3.37 3.50
CA LEU B 19 20.55 -1.96 3.13
C LEU B 19 19.13 -1.40 3.43
N GLU B 20 18.14 -2.06 2.82
CA GLU B 20 16.77 -1.59 2.80
C GLU B 20 16.18 -1.54 4.20
N ALA B 21 16.70 -2.36 5.09
CA ALA B 21 16.30 -2.40 6.50
C ALA B 21 17.07 -1.45 7.43
N ALA B 22 18.32 -1.13 7.11
CA ALA B 22 19.03 -0.15 7.94
C ALA B 22 18.42 1.25 7.71
N ARG B 23 17.98 1.48 6.47
CA ARG B 23 17.21 2.66 6.10
C ARG B 23 15.97 2.80 7.00
N ALA B 24 15.22 1.69 7.11
CA ALA B 24 13.88 1.80 7.61
C ALA B 24 13.76 1.65 9.12
N GLY B 25 14.84 1.79 9.87
CA GLY B 25 14.75 1.72 11.33
C GLY B 25 14.16 0.38 11.77
N GLN B 26 14.51 -0.66 11.02
CA GLN B 26 14.11 -1.99 11.37
C GLN B 26 15.13 -2.68 12.28
N ASP B 27 15.23 -2.19 13.50
CA ASP B 27 16.07 -2.80 14.54
C ASP B 27 16.18 -4.35 14.55
N ASP B 28 15.06 -5.05 14.32
N ASP B 28 15.06 -5.02 14.26
CA ASP B 28 15.03 -6.52 14.37
CA ASP B 28 14.92 -6.47 14.35
C ASP B 28 15.31 -7.17 13.00
C ASP B 28 15.24 -7.18 13.03
N GLU B 29 14.81 -6.58 11.92
CA GLU B 29 15.02 -7.12 10.58
C GLU B 29 16.50 -7.03 10.29
N VAL B 30 17.17 -6.10 10.96
CA VAL B 30 18.59 -5.91 10.82
C VAL B 30 19.30 -6.97 11.67
N ARG B 31 18.85 -7.14 12.91
CA ARG B 31 19.49 -8.05 13.83
C ARG B 31 19.50 -9.46 13.25
N ILE B 32 18.45 -9.79 12.51
CA ILE B 32 18.29 -11.14 11.98
C ILE B 32 19.19 -11.29 10.77
N LEU B 33 19.11 -10.34 9.84
CA LEU B 33 19.96 -10.40 8.64
C LEU B 33 21.44 -10.62 8.99
N MET B 34 21.96 -9.85 9.94
CA MET B 34 23.27 -10.06 10.56
C MET B 34 23.53 -11.52 10.91
N ALA B 35 22.56 -12.16 11.56
CA ALA B 35 22.70 -13.54 12.02
C ALA B 35 22.59 -14.57 10.89
N ASN B 36 22.21 -14.12 9.68
CA ASN B 36 22.19 -14.93 8.47
C ASN B 36 23.40 -14.69 7.58
N GLY B 37 24.41 -14.07 8.16
CA GLY B 37 25.65 -13.75 7.47
C GLY B 37 25.60 -12.62 6.45
N ALA B 38 24.65 -11.69 6.58
CA ALA B 38 24.57 -10.56 5.64
C ALA B 38 25.87 -9.76 5.70
N ASP B 39 26.31 -9.31 4.53
CA ASP B 39 27.54 -8.55 4.45
C ASP B 39 27.38 -7.14 5.10
N VAL B 40 28.16 -6.82 6.13
CA VAL B 40 27.91 -5.53 6.79
C VAL B 40 28.27 -4.36 5.93
N ASN B 41 29.08 -4.57 4.91
CA ASN B 41 29.54 -3.43 4.19
C ASN B 41 29.01 -3.51 2.79
N ALA B 42 27.86 -4.20 2.68
CA ALA B 42 27.03 -4.18 1.48
C ALA B 42 27.04 -2.75 0.92
N LEU B 43 27.29 -2.68 -0.38
CA LEU B 43 27.36 -1.40 -1.05
C LEU B 43 26.12 -1.23 -1.88
N ASP B 44 25.54 -0.03 -1.81
CA ASP B 44 24.42 0.21 -2.67
C ASP B 44 24.94 0.85 -3.95
N GLU B 45 24.03 1.05 -4.88
CA GLU B 45 24.29 1.54 -6.17
C GLU B 45 25.07 2.86 -6.19
N ASP B 46 25.27 3.51 -5.05
CA ASP B 46 25.88 4.85 -4.99
C ASP B 46 27.05 4.81 -4.04
N GLY B 47 27.43 3.60 -3.65
CA GLY B 47 28.48 3.43 -2.65
C GLY B 47 28.11 3.64 -1.18
N LEU B 48 26.80 3.69 -0.90
CA LEU B 48 26.26 3.79 0.46
C LEU B 48 26.15 2.42 1.14
N THR B 49 26.62 2.36 2.38
CA THR B 49 26.64 1.14 3.22
C THR B 49 25.50 1.14 4.20
N PRO B 50 25.26 0.03 4.94
CA PRO B 50 24.22 0.09 5.97
C PRO B 50 24.51 1.10 7.08
N LEU B 51 25.76 1.20 7.52
CA LEU B 51 26.12 2.23 8.46
C LEU B 51 25.72 3.62 7.95
N HIS B 52 25.99 3.94 6.68
CA HIS B 52 25.58 5.27 6.16
C HIS B 52 24.10 5.50 6.47
N LEU B 53 23.29 4.56 6.02
CA LEU B 53 21.88 4.74 6.12
C LEU B 53 21.38 4.85 7.55
N ALA B 54 21.91 4.04 8.45
CA ALA B 54 21.37 4.06 9.80
C ALA B 54 21.81 5.34 10.50
N ALA B 55 23.01 5.82 10.19
CA ALA B 55 23.49 7.02 10.84
C ALA B 55 22.72 8.20 10.30
N GLN B 56 22.43 8.17 8.99
CA GLN B 56 21.65 9.27 8.38
C GLN B 56 20.27 9.43 9.12
N LEU B 57 19.58 8.33 9.37
CA LEU B 57 18.25 8.40 10.00
C LEU B 57 18.24 8.44 11.53
N GLY B 58 19.40 8.47 12.16
CA GLY B 58 19.46 8.56 13.59
C GLY B 58 19.09 7.27 14.29
N HIS B 59 19.21 6.13 13.64
CA HIS B 59 18.84 4.87 14.24
C HIS B 59 19.98 4.30 15.04
N LEU B 60 20.21 4.90 16.22
CA LEU B 60 21.31 4.52 17.11
C LEU B 60 21.58 3.00 17.40
N GLU B 61 20.62 2.25 17.93
CA GLU B 61 20.83 0.80 18.14
C GLU B 61 21.44 0.15 16.90
N ILE B 62 20.97 0.52 15.72
CA ILE B 62 21.36 -0.15 14.54
C ILE B 62 22.81 0.22 14.25
N VAL B 63 23.16 1.49 14.34
CA VAL B 63 24.53 1.94 14.11
C VAL B 63 25.48 1.08 14.95
N GLU B 64 25.06 0.92 16.20
CA GLU B 64 25.90 0.28 17.16
C GLU B 64 26.18 -1.20 16.89
N VAL B 65 25.23 -1.91 16.33
CA VAL B 65 25.43 -3.32 16.11
C VAL B 65 26.11 -3.51 14.76
N LEU B 66 25.89 -2.57 13.86
CA LEU B 66 26.67 -2.63 12.63
C LEU B 66 28.17 -2.48 12.94
N LEU B 67 28.49 -1.60 13.89
CA LEU B 67 29.89 -1.43 14.24
C LEU B 67 30.43 -2.72 14.88
N LYS B 68 29.64 -3.28 15.78
CA LYS B 68 30.01 -4.48 16.43
C LYS B 68 30.21 -5.62 15.40
N TYR B 69 29.48 -5.64 14.29
CA TYR B 69 29.66 -6.71 13.28
C TYR B 69 30.72 -6.31 12.21
N GLY B 70 31.49 -5.26 12.50
CA GLY B 70 32.65 -4.86 11.67
C GLY B 70 32.48 -3.78 10.59
N ALA B 71 31.43 -2.94 10.72
CA ALA B 71 31.08 -1.95 9.71
C ALA B 71 32.19 -0.97 9.55
N ASP B 72 32.60 -0.75 8.32
CA ASP B 72 33.61 0.24 8.02
C ASP B 72 33.14 1.66 8.39
N VAL B 73 33.66 2.16 9.50
CA VAL B 73 33.26 3.46 10.08
C VAL B 73 33.65 4.66 9.22
N ASN B 74 34.69 4.53 8.39
CA ASN B 74 35.05 5.60 7.44
C ASN B 74 34.72 5.33 5.99
N ALA B 75 33.60 4.70 5.71
CA ALA B 75 33.30 4.29 4.37
C ALA B 75 32.91 5.54 3.57
N GLU B 76 33.41 5.67 2.35
CA GLU B 76 33.02 6.79 1.50
C GLU B 76 32.07 6.28 0.48
N ASP B 77 31.07 7.10 0.15
CA ASP B 77 30.22 6.73 -0.95
C ASP B 77 30.81 7.34 -2.23
N ASN B 78 30.21 7.12 -3.37
CA ASN B 78 30.71 7.76 -4.58
C ASN B 78 30.70 9.29 -4.57
N PHE B 79 30.33 9.90 -3.45
CA PHE B 79 30.33 11.40 -3.37
C PHE B 79 31.34 11.88 -2.31
N GLY B 80 32.08 10.92 -1.76
CA GLY B 80 32.96 11.23 -0.64
C GLY B 80 32.22 11.50 0.64
N ILE B 81 30.99 11.01 0.75
CA ILE B 81 30.18 11.22 1.96
C ILE B 81 30.38 10.04 2.90
N THR B 82 30.63 10.38 4.14
CA THR B 82 30.90 9.40 5.12
C THR B 82 29.73 9.28 6.08
N PRO B 83 29.65 8.17 6.82
CA PRO B 83 28.66 8.14 7.91
C PRO B 83 28.70 9.39 8.79
N LEU B 84 29.90 9.83 9.16
CA LEU B 84 30.00 11.00 10.04
C LEU B 84 29.28 12.23 9.42
N HIS B 85 29.51 12.51 8.15
CA HIS B 85 28.81 13.61 7.51
C HIS B 85 27.32 13.48 7.68
N LEU B 86 26.78 12.28 7.55
CA LEU B 86 25.37 12.15 7.53
C LEU B 86 24.77 12.36 8.94
N ALA B 87 25.39 11.75 9.95
CA ALA B 87 25.01 12.01 11.33
C ALA B 87 25.14 13.51 11.61
N ALA B 88 26.08 14.19 10.98
CA ALA B 88 26.23 15.59 11.32
C ALA B 88 25.11 16.41 10.67
N ILE B 89 24.78 16.13 9.39
CA ILE B 89 23.85 17.01 8.73
C ILE B 89 22.49 17.12 9.44
N ARG B 90 21.97 16.00 9.97
CA ARG B 90 20.69 15.98 10.69
C ARG B 90 20.88 16.18 12.20
N GLY B 91 22.10 16.51 12.64
CA GLY B 91 22.41 16.76 14.04
C GLY B 91 22.11 15.61 14.96
N HIS B 92 22.52 14.40 14.60
CA HIS B 92 22.33 13.26 15.47
C HIS B 92 23.55 13.13 16.37
N LEU B 93 23.50 13.79 17.53
CA LEU B 93 24.65 13.94 18.43
C LEU B 93 25.17 12.60 19.00
N GLU B 94 24.25 11.81 19.53
N GLU B 94 24.28 11.77 19.55
CA GLU B 94 24.57 10.51 20.09
CA GLU B 94 24.72 10.51 20.15
C GLU B 94 25.39 9.71 19.09
C GLU B 94 25.38 9.60 19.11
N ILE B 95 24.85 9.54 17.90
CA ILE B 95 25.50 8.80 16.85
C ILE B 95 26.84 9.42 16.51
N VAL B 96 26.91 10.73 16.50
CA VAL B 96 28.17 11.37 16.21
C VAL B 96 29.17 10.90 17.25
N GLU B 97 28.84 11.04 18.53
CA GLU B 97 29.73 10.58 19.60
C GLU B 97 30.27 9.15 19.42
N VAL B 98 29.37 8.25 19.04
CA VAL B 98 29.71 6.85 18.87
C VAL B 98 30.60 6.60 17.63
N LEU B 99 30.41 7.39 16.59
CA LEU B 99 31.24 7.27 15.41
C LEU B 99 32.67 7.72 15.71
N LEU B 100 32.78 8.81 16.45
CA LEU B 100 34.09 9.22 16.89
C LEU B 100 34.71 8.15 17.79
N LYS B 101 34.01 7.73 18.84
CA LYS B 101 34.48 6.68 19.70
C LYS B 101 35.06 5.53 18.84
N HIS B 102 34.38 5.15 17.78
CA HIS B 102 34.90 4.12 16.85
C HIS B 102 35.94 4.60 15.75
N GLY B 103 36.46 5.82 15.86
CA GLY B 103 37.50 6.26 14.96
C GLY B 103 37.13 6.76 13.57
N ALA B 104 35.95 7.37 13.41
CA ALA B 104 35.70 8.09 12.17
C ALA B 104 36.60 9.35 12.12
N ASP B 105 37.14 9.65 10.93
CA ASP B 105 38.04 10.77 10.68
C ASP B 105 37.23 12.03 10.67
N VAL B 106 37.55 12.95 11.56
CA VAL B 106 36.75 14.16 11.60
C VAL B 106 37.13 15.10 10.46
N ASN B 107 38.28 14.85 9.83
CA ASN B 107 38.72 15.68 8.72
C ASN B 107 38.28 15.27 7.31
N ALA B 108 37.68 14.08 7.16
CA ALA B 108 37.14 13.66 5.87
C ALA B 108 36.33 14.77 5.15
N GLN B 109 36.72 15.08 3.93
CA GLN B 109 35.92 15.99 3.10
C GLN B 109 35.06 15.24 2.08
N ASP B 110 33.81 15.62 1.93
CA ASP B 110 33.08 15.12 0.77
C ASP B 110 33.66 15.80 -0.50
N LYS B 111 33.20 15.40 -1.68
CA LYS B 111 33.75 15.91 -2.94
C LYS B 111 33.36 17.36 -3.14
N PHE B 112 32.52 17.87 -2.26
CA PHE B 112 32.25 19.30 -2.25
C PHE B 112 33.28 20.06 -1.40
N GLY B 113 34.18 19.37 -0.72
CA GLY B 113 35.09 20.05 0.17
C GLY B 113 34.64 20.21 1.61
N LYS B 114 33.36 19.90 1.90
CA LYS B 114 32.80 19.89 3.29
C LYS B 114 33.28 18.79 4.24
N THR B 115 33.59 19.18 5.47
CA THR B 115 33.86 18.24 6.57
C THR B 115 32.68 18.24 7.55
N ALA B 116 32.68 17.32 8.50
CA ALA B 116 31.57 17.27 9.45
C ALA B 116 31.64 18.55 10.28
N PHE B 117 32.85 19.04 10.51
CA PHE B 117 32.93 20.33 11.16
C PHE B 117 32.31 21.49 10.33
N ASP B 118 32.62 21.56 9.04
CA ASP B 118 32.09 22.65 8.22
C ASP B 118 30.58 22.70 8.31
N ILE B 119 29.98 21.50 8.17
CA ILE B 119 28.55 21.29 8.33
C ILE B 119 28.00 21.86 9.63
N SER B 120 28.66 21.56 10.73
CA SER B 120 28.20 22.11 11.97
C SER B 120 28.29 23.65 12.05
N ILE B 121 29.26 24.24 11.39
CA ILE B 121 29.31 25.69 11.31
C ILE B 121 28.20 26.25 10.37
N ASP B 122 28.07 25.64 9.22
CA ASP B 122 26.98 25.95 8.32
C ASP B 122 25.55 25.88 8.96
N ASN B 123 25.31 24.91 9.85
CA ASN B 123 23.98 24.73 10.47
C ASN B 123 23.79 25.45 11.78
N GLY B 124 24.83 26.12 12.23
CA GLY B 124 24.81 26.80 13.51
C GLY B 124 24.49 25.86 14.64
N ASN B 125 24.89 24.60 14.49
CA ASN B 125 24.67 23.66 15.54
C ASN B 125 25.83 23.71 16.57
N GLU B 126 25.74 24.64 17.52
CA GLU B 126 26.83 24.91 18.46
C GLU B 126 27.18 23.66 19.27
N ASP B 127 26.17 22.90 19.65
CA ASP B 127 26.40 21.68 20.39
C ASP B 127 27.26 20.65 19.64
N LEU B 128 26.98 20.49 18.33
CA LEU B 128 27.67 19.54 17.47
C LEU B 128 29.11 19.97 17.27
N ALA B 129 29.35 21.27 17.12
CA ALA B 129 30.72 21.82 17.06
C ALA B 129 31.64 21.42 18.24
N GLU B 130 31.23 21.66 19.49
CA GLU B 130 32.03 21.23 20.65
C GLU B 130 32.36 19.76 20.57
N ILE B 131 31.37 18.97 20.13
CA ILE B 131 31.54 17.54 20.16
C ILE B 131 32.67 17.20 19.20
N LEU B 132 32.75 17.91 18.09
CA LEU B 132 33.81 17.62 17.10
C LEU B 132 35.18 18.16 17.47
N GLN B 133 35.27 19.00 18.49
CA GLN B 133 36.54 19.57 18.92
C GLN B 133 37.20 18.71 19.99
N LYS B 134 36.37 18.04 20.79
CA LYS B 134 36.87 17.18 21.86
C LYS B 134 37.50 15.91 21.30
N HIS C 6 -32.80 22.19 25.56
CA HIS C 6 -32.21 23.32 24.85
C HIS C 6 -31.01 22.85 24.08
N ALA C 7 -31.22 22.42 22.84
CA ALA C 7 -30.11 21.96 22.02
C ALA C 7 -30.43 22.17 20.58
N MET C 8 -29.45 22.54 19.77
CA MET C 8 -29.81 22.81 18.41
C MET C 8 -30.41 21.59 17.76
N ALA C 9 -31.18 21.93 16.75
CA ALA C 9 -31.86 21.02 15.82
C ALA C 9 -30.90 20.15 14.97
N ALA C 10 -31.03 18.83 15.14
CA ALA C 10 -30.08 17.83 14.62
C ALA C 10 -30.70 16.85 13.59
N ALA C 11 -30.22 15.59 13.62
CA ALA C 11 -30.71 14.39 12.81
C ALA C 11 -30.56 14.34 11.26
N ALA C 12 -29.58 15.07 10.70
CA ALA C 12 -29.25 14.98 9.25
C ALA C 12 -28.45 13.71 8.85
N ALA C 13 -28.16 12.85 9.86
CA ALA C 13 -27.36 11.60 9.73
C ALA C 13 -28.14 10.39 9.22
N GLY C 14 -27.90 10.07 7.94
CA GLY C 14 -28.59 8.97 7.24
C GLY C 14 -27.57 8.00 6.64
N PRO C 15 -27.33 6.83 7.32
CA PRO C 15 -26.53 5.76 6.63
C PRO C 15 -27.35 5.16 5.48
N GLU C 16 -26.69 4.83 4.36
CA GLU C 16 -27.38 4.26 3.20
C GLU C 16 -27.74 2.81 3.41
N MET C 17 -28.93 2.44 2.95
CA MET C 17 -29.33 1.04 2.97
C MET C 17 -29.23 0.43 1.58
N VAL C 18 -28.75 -0.79 1.51
CA VAL C 18 -28.66 -1.51 0.24
C VAL C 18 -29.10 -2.93 0.55
N ARG C 19 -30.16 -3.38 -0.11
CA ARG C 19 -30.76 -4.71 0.15
C ARG C 19 -30.98 -4.93 1.67
N GLY C 20 -31.60 -3.94 2.32
CA GLY C 20 -31.72 -3.92 3.77
C GLY C 20 -30.42 -4.26 4.54
N GLN C 21 -29.34 -3.55 4.26
CA GLN C 21 -28.11 -3.67 5.01
C GLN C 21 -27.44 -2.31 5.03
N VAL C 22 -26.68 -2.04 6.08
CA VAL C 22 -25.95 -0.78 6.18
C VAL C 22 -24.80 -0.86 5.19
N PHE C 23 -24.63 0.21 4.40
CA PHE C 23 -23.46 0.35 3.51
C PHE C 23 -23.00 1.78 3.63
N ASP C 24 -22.21 2.04 4.65
CA ASP C 24 -22.10 3.42 5.12
C ASP C 24 -20.72 3.94 4.73
N VAL C 25 -20.70 4.59 3.57
CA VAL C 25 -19.48 4.98 2.91
C VAL C 25 -19.46 6.50 2.80
N GLY C 26 -19.99 7.14 3.86
CA GLY C 26 -19.75 8.55 4.27
C GLY C 26 -20.25 9.31 3.09
N PRO C 27 -20.14 10.68 3.12
CA PRO C 27 -20.56 11.63 2.04
C PRO C 27 -19.65 11.54 0.78
N ARG C 28 -18.44 10.96 0.89
CA ARG C 28 -17.53 10.86 -0.27
C ARG C 28 -18.00 9.99 -1.46
N TYR C 29 -18.51 8.80 -1.14
CA TYR C 29 -18.98 7.83 -2.11
C TYR C 29 -20.50 7.83 -2.16
N THR C 30 -21.09 8.27 -3.28
CA THR C 30 -22.56 8.29 -3.39
C THR C 30 -23.05 7.41 -4.52
N ASN C 31 -24.38 7.37 -4.72
CA ASN C 31 -25.03 6.71 -5.85
C ASN C 31 -24.74 5.24 -5.93
N LEU C 32 -25.01 4.51 -4.85
CA LEU C 32 -24.62 3.07 -4.81
C LEU C 32 -25.45 2.19 -5.75
N SER C 33 -24.88 1.08 -6.20
CA SER C 33 -25.58 0.07 -6.97
C SER C 33 -25.09 -1.33 -6.55
N TYR C 34 -25.99 -2.21 -6.09
CA TYR C 34 -25.50 -3.54 -5.68
C TYR C 34 -24.87 -4.21 -6.91
N ILE C 35 -23.70 -4.85 -6.76
CA ILE C 35 -23.05 -5.56 -7.87
C ILE C 35 -22.47 -6.92 -7.50
N GLY C 36 -23.12 -7.62 -6.55
CA GLY C 36 -22.62 -8.98 -6.23
C GLY C 36 -22.05 -9.29 -4.84
N GLU C 37 -21.48 -10.48 -4.71
CA GLU C 37 -21.02 -10.98 -3.43
C GLU C 37 -19.51 -11.14 -3.40
N GLY C 38 -18.94 -10.76 -2.27
CA GLY C 38 -17.56 -11.11 -1.93
C GLY C 38 -17.61 -12.19 -0.86
N ALA C 39 -16.43 -12.66 -0.48
CA ALA C 39 -16.30 -13.64 0.62
C ALA C 39 -17.00 -13.16 1.88
N TYR C 40 -16.78 -11.91 2.28
CA TYR C 40 -17.30 -11.48 3.59
C TYR C 40 -18.33 -10.31 3.64
N GLY C 41 -18.90 -9.97 2.48
CA GLY C 41 -20.00 -8.99 2.42
C GLY C 41 -20.43 -8.58 1.01
N MET C 42 -21.34 -7.62 0.94
CA MET C 42 -21.83 -7.23 -0.40
C MET C 42 -20.83 -6.32 -1.12
N VAL C 43 -20.91 -6.23 -2.44
CA VAL C 43 -20.05 -5.36 -3.18
C VAL C 43 -20.97 -4.43 -3.94
N CYS C 44 -20.83 -3.11 -3.77
CA CYS C 44 -21.54 -2.13 -4.60
C CYS C 44 -20.61 -1.32 -5.48
N SER C 45 -21.10 -0.77 -6.56
CA SER C 45 -20.30 0.28 -7.22
C SER C 45 -20.81 1.58 -6.64
N ALA C 46 -20.04 2.65 -6.82
CA ALA C 46 -20.43 3.96 -6.28
C ALA C 46 -19.69 5.09 -7.01
N TYR C 47 -20.16 6.32 -6.84
CA TYR C 47 -19.52 7.43 -7.51
C TYR C 47 -18.61 8.07 -6.55
N ASP C 48 -17.33 8.16 -6.89
CA ASP C 48 -16.36 8.85 -6.05
C ASP C 48 -16.41 10.32 -6.39
N ASN C 49 -16.89 11.08 -5.43
CA ASN C 49 -17.08 12.49 -5.66
C ASN C 49 -15.78 13.25 -5.78
N LEU C 50 -14.66 12.63 -5.37
CA LEU C 50 -13.40 13.33 -5.39
C LEU C 50 -12.67 13.07 -6.67
N ASN C 51 -12.65 11.84 -7.09
CA ASN C 51 -12.01 11.58 -8.32
C ASN C 51 -12.97 11.72 -9.49
N LYS C 52 -14.27 11.81 -9.20
CA LYS C 52 -15.25 11.96 -10.25
C LYS C 52 -15.37 10.74 -11.15
N VAL C 53 -15.22 9.53 -10.63
CA VAL C 53 -15.43 8.30 -11.40
C VAL C 53 -16.15 7.24 -10.55
N ARG C 54 -16.81 6.26 -11.19
CA ARG C 54 -17.49 5.23 -10.40
C ARG C 54 -16.45 4.24 -9.94
N VAL C 55 -16.67 3.61 -8.79
CA VAL C 55 -15.63 2.75 -8.19
C VAL C 55 -16.25 1.56 -7.59
N ALA C 56 -15.49 0.51 -7.33
CA ALA C 56 -16.03 -0.69 -6.66
C ALA C 56 -15.69 -0.60 -5.19
N ILE C 57 -16.63 -0.98 -4.31
CA ILE C 57 -16.37 -0.95 -2.91
C ILE C 57 -16.86 -2.28 -2.30
N LYS C 58 -15.96 -3.07 -1.69
CA LYS C 58 -16.47 -4.21 -0.94
C LYS C 58 -16.67 -3.96 0.51
N LYS C 59 -17.82 -4.37 1.04
CA LYS C 59 -18.05 -4.38 2.46
C LYS C 59 -17.52 -5.69 3.02
N ILE C 60 -16.65 -5.60 4.03
CA ILE C 60 -16.04 -6.75 4.68
C ILE C 60 -16.37 -6.79 6.18
N SER C 61 -16.70 -7.98 6.68
CA SER C 61 -17.10 -8.15 8.08
C SER C 61 -16.51 -9.44 8.64
N PRO C 62 -15.17 -9.46 8.84
CA PRO C 62 -14.45 -10.72 9.10
C PRO C 62 -14.21 -11.05 10.58
N PHE C 63 -14.69 -10.19 11.49
CA PHE C 63 -14.16 -10.17 12.84
C PHE C 63 -14.59 -11.29 13.74
N GLU C 64 -15.68 -11.97 13.40
CA GLU C 64 -16.11 -13.11 14.15
C GLU C 64 -15.23 -14.29 13.96
N HIS C 65 -14.30 -14.28 13.03
CA HIS C 65 -13.68 -15.55 12.67
C HIS C 65 -12.24 -15.42 12.30
N GLN C 66 -11.41 -16.19 12.98
CA GLN C 66 -10.00 -16.13 12.76
C GLN C 66 -9.64 -16.20 11.27
N THR C 67 -10.16 -17.19 10.55
CA THR C 67 -9.72 -17.39 9.17
C THR C 67 -10.03 -16.16 8.29
N TYR C 68 -11.22 -15.60 8.49
CA TYR C 68 -11.63 -14.41 7.76
C TYR C 68 -10.65 -13.22 8.04
N CYS C 69 -10.47 -12.92 9.33
CA CYS C 69 -9.51 -11.94 9.78
C CYS C 69 -8.15 -12.17 9.18
N GLN C 70 -7.69 -13.42 9.21
CA GLN C 70 -6.44 -13.80 8.54
C GLN C 70 -6.43 -13.47 7.02
N ARG C 71 -7.47 -13.88 6.30
CA ARG C 71 -7.45 -13.62 4.87
C ARG C 71 -7.56 -12.14 4.55
N THR C 72 -8.40 -11.45 5.31
CA THR C 72 -8.57 -10.02 5.13
C THR C 72 -7.23 -9.27 5.33
N LEU C 73 -6.60 -9.56 6.46
CA LEU C 73 -5.36 -8.93 6.76
C LEU C 73 -4.36 -9.27 5.68
N ARG C 74 -4.37 -10.48 5.15
CA ARG C 74 -3.33 -10.81 4.18
C ARG C 74 -3.48 -9.97 2.95
N GLU C 75 -4.73 -9.87 2.47
CA GLU C 75 -5.01 -9.15 1.24
C GLU C 75 -4.71 -7.66 1.35
N ILE C 76 -5.10 -7.06 2.48
CA ILE C 76 -4.85 -5.67 2.68
C ILE C 76 -3.33 -5.42 2.68
N LYS C 77 -2.62 -6.29 3.38
CA LYS C 77 -1.21 -6.08 3.63
C LYS C 77 -0.44 -6.22 2.33
N ILE C 78 -0.92 -7.14 1.49
CA ILE C 78 -0.30 -7.41 0.20
C ILE C 78 -0.63 -6.27 -0.77
N LEU C 79 -1.92 -5.99 -0.96
CA LEU C 79 -2.30 -4.98 -1.94
C LEU C 79 -1.77 -3.54 -1.64
N LEU C 80 -1.67 -3.19 -0.35
CA LEU C 80 -1.19 -1.88 -0.06
C LEU C 80 0.29 -1.76 -0.45
N ARG C 81 1.01 -2.89 -0.42
N ARG C 81 1.06 -2.84 -0.41
CA ARG C 81 2.45 -2.98 -0.78
CA ARG C 81 2.42 -2.69 -0.86
C ARG C 81 2.70 -3.15 -2.27
C ARG C 81 2.50 -2.68 -2.38
N PHE C 82 1.67 -3.49 -3.04
CA PHE C 82 1.80 -3.65 -4.50
C PHE C 82 1.53 -2.37 -5.32
N ARG C 83 2.26 -2.22 -6.40
CA ARG C 83 2.05 -1.05 -7.24
C ARG C 83 2.36 -1.52 -8.62
N HIS C 84 1.32 -1.95 -9.34
CA HIS C 84 1.52 -2.56 -10.65
C HIS C 84 0.31 -2.36 -11.55
N GLU C 85 0.53 -2.11 -12.85
CA GLU C 85 -0.60 -1.88 -13.80
C GLU C 85 -1.47 -3.16 -13.92
N ASN C 86 -0.87 -4.36 -13.75
CA ASN C 86 -1.63 -5.58 -13.97
C ASN C 86 -2.15 -6.20 -12.66
N ILE C 87 -2.18 -5.40 -11.59
CA ILE C 87 -2.65 -5.87 -10.28
C ILE C 87 -3.56 -4.81 -9.71
N ILE C 88 -4.77 -5.22 -9.30
CA ILE C 88 -5.77 -4.29 -8.80
C ILE C 88 -5.17 -3.64 -7.55
N GLY C 89 -5.34 -2.33 -7.37
CA GLY C 89 -4.82 -1.68 -6.16
C GLY C 89 -5.89 -1.47 -5.10
N ILE C 90 -5.49 -0.99 -3.90
CA ILE C 90 -6.48 -0.45 -2.97
C ILE C 90 -6.51 1.07 -3.02
N ASN C 91 -7.67 1.66 -3.27
CA ASN C 91 -7.75 3.08 -3.49
C ASN C 91 -8.02 3.87 -2.18
N ASP C 92 -8.82 3.29 -1.28
CA ASP C 92 -9.24 3.96 -0.07
C ASP C 92 -9.76 2.87 0.83
N ILE C 93 -9.90 3.14 2.12
CA ILE C 93 -10.42 2.14 3.04
C ILE C 93 -11.19 2.87 4.09
N ILE C 94 -12.41 2.45 4.35
CA ILE C 94 -13.30 3.24 5.22
C ILE C 94 -13.63 2.39 6.42
N ARG C 95 -13.42 2.91 7.61
CA ARG C 95 -13.84 2.18 8.80
C ARG C 95 -13.96 3.10 9.99
N ALA C 96 -14.62 2.64 11.04
CA ALA C 96 -14.85 3.49 12.21
C ALA C 96 -13.54 4.11 12.83
N PRO C 97 -13.67 5.28 13.45
CA PRO C 97 -12.50 5.91 14.00
C PRO C 97 -11.88 5.24 15.22
N THR C 98 -12.54 4.25 15.82
CA THR C 98 -11.95 3.57 16.97
C THR C 98 -12.19 2.10 16.80
N ILE C 99 -11.29 1.26 17.30
CA ILE C 99 -11.38 -0.19 17.17
C ILE C 99 -12.66 -0.82 17.73
N GLU C 100 -13.25 -0.26 18.77
CA GLU C 100 -14.50 -0.83 19.30
C GLU C 100 -15.69 -0.66 18.37
N GLN C 101 -15.81 0.53 17.76
N GLN C 101 -15.85 0.51 17.77
CA GLN C 101 -16.90 0.87 16.83
CA GLN C 101 -16.99 0.73 16.88
C GLN C 101 -16.72 0.16 15.48
C GLN C 101 -16.70 0.23 15.45
N MET C 102 -15.54 -0.39 15.25
CA MET C 102 -15.20 -0.99 13.98
C MET C 102 -15.79 -2.40 13.91
N LYS C 103 -16.95 -2.53 13.27
CA LYS C 103 -17.54 -3.88 13.04
C LYS C 103 -17.32 -4.22 11.59
N ASP C 104 -17.30 -3.20 10.75
CA ASP C 104 -16.96 -3.49 9.34
C ASP C 104 -15.99 -2.52 8.66
N VAL C 105 -15.45 -3.02 7.56
CA VAL C 105 -14.40 -2.37 6.80
C VAL C 105 -14.82 -2.30 5.34
N TYR C 106 -14.82 -1.12 4.76
CA TYR C 106 -15.10 -1.05 3.32
C TYR C 106 -13.84 -0.74 2.55
N ILE C 107 -13.55 -1.51 1.52
CA ILE C 107 -12.36 -1.32 0.67
C ILE C 107 -12.73 -0.89 -0.73
N VAL C 108 -12.14 0.18 -1.22
CA VAL C 108 -12.54 0.81 -2.44
C VAL C 108 -11.50 0.58 -3.51
N GLN C 109 -11.88 0.07 -4.68
CA GLN C 109 -10.92 -0.26 -5.77
C GLN C 109 -11.45 0.22 -7.08
N ASP C 110 -10.58 0.29 -8.09
CA ASP C 110 -11.00 0.65 -9.41
C ASP C 110 -12.16 -0.20 -9.84
N LEU C 111 -13.11 0.37 -10.60
CA LEU C 111 -14.27 -0.44 -11.09
C LEU C 111 -13.91 -0.92 -12.46
N MET C 112 -13.74 -2.19 -12.67
CA MET C 112 -13.32 -2.62 -14.01
C MET C 112 -14.55 -3.17 -14.72
N GLU C 113 -14.79 -2.78 -15.97
CA GLU C 113 -16.02 -3.09 -16.67
C GLU C 113 -16.39 -4.54 -16.70
N THR C 114 -15.40 -5.41 -16.88
CA THR C 114 -15.73 -6.79 -17.11
C THR C 114 -14.64 -7.68 -16.59
N ASP C 115 -14.73 -8.99 -16.80
CA ASP C 115 -13.63 -9.89 -16.48
C ASP C 115 -13.59 -11.04 -17.49
N LEU C 116 -12.62 -11.93 -17.38
CA LEU C 116 -12.34 -12.87 -18.43
C LEU C 116 -13.34 -14.05 -18.39
N TYR C 117 -13.79 -14.39 -17.20
CA TYR C 117 -14.85 -15.36 -17.07
C TYR C 117 -16.04 -14.88 -17.91
N LYS C 118 -16.41 -13.60 -17.70
CA LYS C 118 -17.58 -13.07 -18.40
C LYS C 118 -17.34 -13.01 -19.88
N LEU C 119 -16.14 -12.53 -20.29
CA LEU C 119 -15.79 -12.39 -21.69
C LEU C 119 -15.87 -13.71 -22.46
N LEU C 120 -15.30 -14.77 -21.87
CA LEU C 120 -15.27 -16.08 -22.50
C LEU C 120 -16.69 -16.65 -22.64
N LYS C 121 -17.65 -16.20 -21.83
CA LYS C 121 -19.04 -16.60 -22.02
C LYS C 121 -19.69 -16.03 -23.27
N THR C 122 -19.24 -14.90 -23.80
CA THR C 122 -19.90 -14.36 -24.98
C THR C 122 -19.03 -14.28 -26.24
N GLN C 123 -17.71 -14.35 -26.06
CA GLN C 123 -16.74 -14.07 -27.11
C GLN C 123 -15.71 -15.21 -27.35
N HIS C 124 -15.56 -15.61 -28.61
N HIS C 124 -15.60 -15.66 -28.60
CA HIS C 124 -14.45 -16.45 -29.03
CA HIS C 124 -14.43 -16.42 -29.07
C HIS C 124 -13.25 -15.54 -29.30
C HIS C 124 -13.36 -15.34 -29.10
N LEU C 125 -12.25 -15.57 -28.42
CA LEU C 125 -11.11 -14.64 -28.54
C LEU C 125 -10.25 -14.81 -29.77
N SER C 126 -9.95 -13.69 -30.42
CA SER C 126 -8.85 -13.66 -31.40
C SER C 126 -7.49 -14.06 -30.81
N ASN C 127 -6.63 -14.70 -31.60
N ASN C 127 -6.68 -14.63 -31.71
CA ASN C 127 -5.31 -15.08 -31.05
CA ASN C 127 -5.30 -15.05 -31.48
C ASN C 127 -4.61 -13.83 -30.52
C ASN C 127 -4.48 -13.92 -30.83
N ASP C 128 -4.81 -12.69 -31.19
CA ASP C 128 -4.18 -11.48 -30.68
C ASP C 128 -4.58 -11.15 -29.26
N HIS C 129 -5.90 -11.25 -29.00
CA HIS C 129 -6.46 -11.04 -27.66
C HIS C 129 -5.86 -12.09 -26.73
N ILE C 130 -5.82 -13.34 -27.22
CA ILE C 130 -5.35 -14.44 -26.37
C ILE C 130 -3.94 -14.14 -25.94
N CYS C 131 -3.12 -13.80 -26.91
CA CYS C 131 -1.71 -13.53 -26.67
C CYS C 131 -1.56 -12.35 -25.73
N TYR C 132 -2.20 -11.22 -26.03
CA TYR C 132 -2.05 -10.05 -25.20
C TYR C 132 -2.48 -10.28 -23.74
N PHE C 133 -3.56 -11.01 -23.51
CA PHE C 133 -4.01 -11.21 -22.16
C PHE C 133 -2.99 -12.02 -21.41
N LEU C 134 -2.45 -13.02 -22.08
CA LEU C 134 -1.52 -13.95 -21.47
C LEU C 134 -0.30 -13.12 -21.10
N TYR C 135 0.12 -12.28 -22.02
CA TYR C 135 1.19 -11.36 -21.67
C TYR C 135 0.87 -10.68 -20.35
N GLN C 136 -0.27 -10.00 -20.27
CA GLN C 136 -0.52 -9.24 -19.06
C GLN C 136 -0.68 -10.11 -17.80
N ILE C 137 -1.17 -11.34 -17.94
CA ILE C 137 -1.26 -12.16 -16.76
C ILE C 137 0.18 -12.41 -16.21
N LEU C 138 1.08 -12.80 -17.12
CA LEU C 138 2.40 -13.18 -16.71
C LEU C 138 3.19 -11.97 -16.16
N ARG C 139 2.90 -10.79 -16.73
CA ARG C 139 3.55 -9.56 -16.28
C ARG C 139 3.10 -9.29 -14.87
N GLY C 140 1.79 -9.33 -14.65
CA GLY C 140 1.28 -9.33 -13.29
C GLY C 140 1.94 -10.35 -12.36
N LEU C 141 2.16 -11.57 -12.84
CA LEU C 141 2.47 -12.64 -11.91
C LEU C 141 3.92 -12.50 -11.47
N LYS C 142 4.76 -12.17 -12.47
CA LYS C 142 6.18 -11.90 -12.34
C LYS C 142 6.38 -11.02 -11.15
N TYR C 143 5.53 -10.02 -11.00
CA TYR C 143 5.70 -9.11 -9.92
C TYR C 143 5.32 -9.72 -8.59
N ILE C 144 4.11 -10.29 -8.50
CA ILE C 144 3.62 -11.05 -7.32
C ILE C 144 4.67 -12.04 -6.84
N HIS C 145 5.19 -12.81 -7.79
CA HIS C 145 6.15 -13.82 -7.42
C HIS C 145 7.48 -13.24 -6.95
N SER C 146 7.91 -12.15 -7.57
CA SER C 146 9.15 -11.52 -7.17
C SER C 146 8.97 -10.94 -5.78
N ALA C 147 7.74 -10.85 -5.30
CA ALA C 147 7.52 -10.36 -3.93
C ALA C 147 7.37 -11.49 -2.97
N ASN C 148 7.68 -12.73 -3.37
CA ASN C 148 7.45 -13.87 -2.46
C ASN C 148 5.97 -14.18 -2.12
N VAL C 149 5.05 -13.80 -3.01
CA VAL C 149 3.65 -14.05 -2.77
C VAL C 149 3.17 -15.16 -3.69
N LEU C 150 2.30 -16.02 -3.18
CA LEU C 150 1.57 -16.92 -4.06
C LEU C 150 0.16 -16.39 -4.09
N HIS C 151 -0.37 -16.23 -5.28
CA HIS C 151 -1.77 -15.87 -5.39
C HIS C 151 -2.72 -17.01 -4.96
N ARG C 152 -2.59 -18.17 -5.57
CA ARG C 152 -3.35 -19.38 -5.16
C ARG C 152 -4.81 -19.37 -5.62
N ASP C 153 -5.22 -18.49 -6.49
CA ASP C 153 -6.58 -18.61 -6.90
C ASP C 153 -6.79 -17.93 -8.21
N LEU C 154 -5.85 -18.13 -9.12
CA LEU C 154 -5.96 -17.59 -10.41
C LEU C 154 -7.02 -18.30 -11.22
N LYS C 155 -7.87 -17.51 -11.83
CA LYS C 155 -8.87 -18.07 -12.70
C LYS C 155 -9.57 -16.94 -13.46
N PRO C 156 -10.38 -17.34 -14.47
CA PRO C 156 -10.84 -16.27 -15.29
C PRO C 156 -11.64 -15.26 -14.48
N SER C 157 -12.48 -15.67 -13.56
CA SER C 157 -13.28 -14.62 -12.85
C SER C 157 -12.41 -13.67 -12.05
N ASN C 158 -11.20 -14.06 -11.67
CA ASN C 158 -10.27 -13.13 -11.04
C ASN C 158 -9.36 -12.35 -11.99
N LEU C 159 -9.62 -12.36 -13.31
CA LEU C 159 -8.88 -11.48 -14.17
C LEU C 159 -9.73 -10.31 -14.67
N LEU C 160 -9.66 -9.11 -14.06
CA LEU C 160 -10.53 -8.00 -14.51
C LEU C 160 -10.05 -7.44 -15.83
N LEU C 161 -10.99 -6.85 -16.55
CA LEU C 161 -10.70 -6.29 -17.85
C LEU C 161 -11.47 -4.99 -17.98
N ASN C 162 -10.86 -3.95 -18.58
CA ASN C 162 -11.48 -2.62 -18.77
C ASN C 162 -11.85 -2.40 -20.22
N THR C 163 -12.32 -1.25 -20.63
CA THR C 163 -12.93 -1.24 -21.96
C THR C 163 -11.89 -1.24 -23.04
N THR C 164 -10.62 -1.24 -22.65
CA THR C 164 -9.58 -1.17 -23.70
C THR C 164 -8.61 -2.31 -23.55
N CYS C 165 -8.99 -3.38 -22.85
CA CYS C 165 -8.20 -4.61 -22.87
C CYS C 165 -7.11 -4.69 -21.81
N ASP C 166 -6.98 -3.65 -20.98
CA ASP C 166 -6.14 -3.71 -19.80
C ASP C 166 -6.70 -4.70 -18.83
N LEU C 167 -5.82 -5.57 -18.35
CA LEU C 167 -6.17 -6.66 -17.51
C LEU C 167 -5.47 -6.49 -16.18
N LYS C 168 -6.20 -6.49 -15.07
CA LYS C 168 -5.60 -6.51 -13.74
C LYS C 168 -6.05 -7.74 -12.90
N ILE C 169 -5.12 -8.47 -12.27
CA ILE C 169 -5.44 -9.61 -11.47
C ILE C 169 -6.05 -9.12 -10.15
N CYS C 170 -7.12 -9.77 -9.63
CA CYS C 170 -7.65 -9.43 -8.34
C CYS C 170 -7.91 -10.64 -7.42
N ASP C 171 -8.64 -10.43 -6.33
CA ASP C 171 -8.93 -11.43 -5.25
C ASP C 171 -7.71 -12.07 -4.65
N PHE C 172 -7.02 -11.33 -3.80
CA PHE C 172 -5.89 -11.86 -3.08
C PHE C 172 -6.30 -12.41 -1.76
N GLY C 173 -7.56 -12.75 -1.63
CA GLY C 173 -7.98 -13.32 -0.37
C GLY C 173 -7.34 -14.66 -0.03
N LEU C 174 -7.10 -15.47 -1.03
CA LEU C 174 -6.49 -16.76 -0.80
C LEU C 174 -4.96 -16.66 -0.96
N ALA C 175 -4.48 -15.45 -1.22
CA ALA C 175 -3.04 -15.24 -1.40
C ALA C 175 -2.32 -15.30 -0.07
N ARG C 176 -0.99 -15.32 -0.15
CA ARG C 176 -0.15 -15.62 1.01
C ARG C 176 1.33 -15.29 0.73
N VAL C 177 2.11 -15.10 1.78
CA VAL C 177 3.54 -14.96 1.58
C VAL C 177 4.22 -16.29 1.91
N ALA C 178 5.25 -16.65 1.16
CA ALA C 178 6.11 -17.76 1.54
C ALA C 178 7.54 -17.41 1.14
N ASP C 179 8.32 -16.97 2.11
CA ASP C 179 9.71 -16.64 1.87
C ASP C 179 10.48 -17.84 1.34
N PRO C 180 11.03 -17.75 0.10
CA PRO C 180 11.74 -18.86 -0.57
C PRO C 180 12.97 -19.41 0.21
N ASP C 181 13.58 -18.59 1.07
CA ASP C 181 14.70 -19.02 1.90
C ASP C 181 14.27 -20.03 2.95
N HIS C 182 13.06 -19.91 3.50
CA HIS C 182 12.61 -20.98 4.39
C HIS C 182 11.94 -22.08 3.58
N ASP C 183 12.09 -23.35 3.99
CA ASP C 183 11.32 -24.47 3.42
C ASP C 183 9.98 -24.67 4.17
N HIS C 184 8.89 -24.53 3.42
CA HIS C 184 7.54 -24.48 3.99
C HIS C 184 6.83 -25.82 4.11
N THR C 185 7.36 -26.88 3.51
CA THR C 185 6.68 -28.19 3.48
C THR C 185 6.03 -28.51 4.83
N GLY C 186 4.71 -28.69 4.81
CA GLY C 186 3.93 -29.07 6.00
C GLY C 186 3.31 -27.88 6.67
N PHE C 187 3.51 -26.71 6.09
CA PHE C 187 3.05 -25.52 6.74
C PHE C 187 2.24 -24.64 5.81
N LEU C 188 2.00 -25.10 4.57
CA LEU C 188 1.09 -24.40 3.66
C LEU C 188 -0.31 -24.95 3.80
N TPO C 189 -1.30 -24.09 3.77
CA TPO C 189 -2.66 -24.54 3.91
CB TPO C 189 -3.55 -23.31 3.82
CG2 TPO C 189 -5.04 -23.57 3.97
OG1 TPO C 189 -3.21 -22.45 4.87
P TPO C 189 -2.56 -21.02 4.64
O1P TPO C 189 -2.28 -20.63 6.05
O2P TPO C 189 -1.28 -21.24 3.87
O3P TPO C 189 -3.58 -20.26 3.90
C TPO C 189 -2.90 -25.55 2.82
O TPO C 189 -2.45 -25.43 1.68
N GLU C 190 -3.65 -26.59 3.16
CA GLU C 190 -3.85 -27.64 2.18
C GLU C 190 -4.81 -27.40 1.02
N PTR C 191 -6.01 -26.89 1.29
CA PTR C 191 -7.05 -26.93 0.23
C PTR C 191 -7.02 -25.58 -0.46
O PTR C 191 -7.75 -24.68 -0.03
CB PTR C 191 -8.41 -27.24 0.91
CG PTR C 191 -9.63 -27.63 0.06
CD1 PTR C 191 -10.89 -27.05 0.31
CD2 PTR C 191 -9.55 -28.61 -0.97
CE1 PTR C 191 -12.05 -27.39 -0.42
CE2 PTR C 191 -10.70 -28.93 -1.73
CZ PTR C 191 -11.95 -28.31 -1.45
OH PTR C 191 -13.00 -28.63 -2.07
P PTR C 191 -13.30 -28.25 -3.59
O1P PTR C 191 -12.81 -29.26 -4.58
O2P PTR C 191 -14.82 -28.15 -3.82
O3P PTR C 191 -12.56 -26.89 -3.70
N VAL C 192 -6.21 -25.43 -1.50
CA VAL C 192 -6.07 -24.14 -2.16
C VAL C 192 -6.29 -24.22 -3.67
N ALA C 193 -6.52 -23.06 -4.28
CA ALA C 193 -6.72 -22.96 -5.72
C ALA C 193 -8.02 -23.63 -6.17
N THR C 194 -8.96 -22.83 -6.64
CA THR C 194 -10.23 -23.36 -7.13
C THR C 194 -9.97 -24.69 -7.84
N ARG C 195 -10.84 -25.66 -7.61
CA ARG C 195 -10.66 -26.99 -8.17
C ARG C 195 -10.16 -27.13 -9.63
N TRP C 196 -10.89 -26.55 -10.59
CA TRP C 196 -10.56 -26.81 -11.98
C TRP C 196 -9.20 -26.28 -12.37
N TYR C 197 -8.69 -25.40 -11.51
CA TYR C 197 -7.46 -24.63 -11.66
C TYR C 197 -6.40 -25.09 -10.59
N ARG C 198 -6.69 -26.19 -9.91
CA ARG C 198 -5.84 -26.72 -8.85
C ARG C 198 -4.76 -27.60 -9.47
N ALA C 199 -3.50 -27.37 -9.09
CA ALA C 199 -2.38 -28.10 -9.69
C ALA C 199 -2.31 -29.52 -9.16
N PRO C 200 -1.73 -30.45 -9.93
CA PRO C 200 -1.75 -31.83 -9.45
C PRO C 200 -1.13 -31.97 -8.04
N GLU C 201 -0.10 -31.20 -7.77
CA GLU C 201 0.70 -31.47 -6.58
C GLU C 201 0.02 -30.97 -5.34
N ILE C 202 -1.02 -30.13 -5.48
CA ILE C 202 -1.74 -29.68 -4.29
C ILE C 202 -2.44 -30.91 -3.64
N MET C 203 -2.99 -31.77 -4.48
CA MET C 203 -3.84 -32.88 -4.02
C MET C 203 -2.98 -34.08 -3.58
N LEU C 204 -1.75 -34.10 -4.10
CA LEU C 204 -0.76 -35.20 -3.95
C LEU C 204 0.31 -35.00 -2.82
N ASN C 205 1.14 -33.95 -2.93
CA ASN C 205 2.06 -33.50 -1.87
C ASN C 205 1.40 -32.49 -0.97
N SER C 206 0.43 -32.96 -0.18
CA SER C 206 -0.30 -32.09 0.73
C SER C 206 0.64 -31.13 1.44
N LYS C 207 0.23 -29.87 1.53
CA LYS C 207 1.04 -28.84 2.18
C LYS C 207 2.49 -28.89 1.72
N GLY C 208 2.67 -29.14 0.42
CA GLY C 208 4.00 -29.21 -0.15
C GLY C 208 4.06 -28.62 -1.56
N TYR C 209 3.47 -27.43 -1.72
CA TYR C 209 3.47 -26.75 -3.00
C TYR C 209 4.29 -25.47 -2.96
N THR C 210 4.51 -24.88 -4.13
CA THR C 210 5.28 -23.65 -4.22
C THR C 210 4.56 -22.63 -5.09
N LYS C 211 5.23 -21.51 -5.34
CA LYS C 211 4.75 -20.44 -6.22
C LYS C 211 4.30 -21.04 -7.56
N SER C 212 4.76 -22.28 -7.85
CA SER C 212 4.55 -22.86 -9.18
C SER C 212 3.10 -23.26 -9.46
N ILE C 213 2.30 -23.33 -8.39
CA ILE C 213 0.90 -23.64 -8.55
C ILE C 213 0.20 -22.50 -9.32
N ASP C 214 0.73 -21.28 -9.26
CA ASP C 214 0.14 -20.20 -10.04
C ASP C 214 0.34 -20.43 -11.54
N ILE C 215 1.47 -21.04 -11.89
CA ILE C 215 1.77 -21.24 -13.29
C ILE C 215 0.81 -22.26 -13.86
N TRP C 216 0.56 -23.30 -13.08
CA TRP C 216 -0.39 -24.30 -13.48
C TRP C 216 -1.76 -23.64 -13.72
N SER C 217 -2.22 -22.85 -12.78
CA SER C 217 -3.41 -22.12 -12.97
C SER C 217 -3.36 -21.25 -14.24
N VAL C 218 -2.26 -20.54 -14.50
CA VAL C 218 -2.26 -19.74 -15.71
C VAL C 218 -2.40 -20.63 -16.95
N GLY C 219 -1.80 -21.83 -16.89
CA GLY C 219 -1.98 -22.82 -17.94
C GLY C 219 -3.45 -23.19 -18.17
N CYS C 220 -4.18 -23.49 -17.09
CA CYS C 220 -5.60 -23.77 -17.21
C CYS C 220 -6.27 -22.56 -17.82
N ILE C 221 -5.95 -21.36 -17.37
CA ILE C 221 -6.55 -20.20 -18.01
C ILE C 221 -6.28 -20.15 -19.53
N LEU C 222 -5.02 -20.31 -19.95
CA LEU C 222 -4.67 -20.33 -21.37
C LEU C 222 -5.51 -21.35 -22.17
N ALA C 223 -5.62 -22.58 -21.66
CA ALA C 223 -6.44 -23.57 -22.35
C ALA C 223 -7.86 -23.10 -22.44
N GLU C 224 -8.35 -22.52 -21.36
CA GLU C 224 -9.71 -22.01 -21.41
C GLU C 224 -9.82 -20.93 -22.51
N MET C 225 -8.83 -20.05 -22.66
CA MET C 225 -8.92 -19.04 -23.68
C MET C 225 -8.88 -19.62 -25.09
N LEU C 226 -8.45 -20.86 -25.29
CA LEU C 226 -8.32 -21.36 -26.65
C LEU C 226 -9.63 -21.99 -27.08
N SER C 227 -10.48 -22.33 -26.12
CA SER C 227 -11.67 -23.07 -26.50
C SER C 227 -12.92 -22.71 -25.77
N ASN C 228 -12.87 -21.78 -24.82
CA ASN C 228 -14.09 -21.40 -24.10
C ASN C 228 -14.71 -22.52 -23.30
N ARG C 229 -13.98 -23.59 -23.02
CA ARG C 229 -14.41 -24.61 -22.07
C ARG C 229 -13.27 -24.75 -21.06
N PRO C 230 -13.57 -24.92 -19.78
CA PRO C 230 -12.48 -25.30 -18.89
C PRO C 230 -11.85 -26.64 -19.33
N ILE C 231 -10.53 -26.78 -19.25
CA ILE C 231 -9.86 -27.95 -19.72
C ILE C 231 -10.07 -29.15 -18.76
N PHE C 232 -10.10 -28.93 -17.43
CA PHE C 232 -10.20 -30.03 -16.44
C PHE C 232 -11.37 -29.84 -15.46
N PRO C 233 -12.58 -30.20 -15.87
CA PRO C 233 -13.66 -29.82 -14.95
C PRO C 233 -14.02 -30.90 -13.93
N GLY C 234 -13.12 -31.18 -13.00
CA GLY C 234 -13.32 -32.27 -12.04
C GLY C 234 -14.52 -32.02 -11.17
N LYS C 235 -15.22 -33.12 -10.84
CA LYS C 235 -16.41 -33.04 -9.98
C LYS C 235 -16.07 -32.97 -8.48
N HIS C 236 -14.86 -33.39 -8.16
CA HIS C 236 -14.28 -33.28 -6.81
C HIS C 236 -12.76 -33.59 -6.87
N TYR C 237 -12.08 -33.59 -5.74
CA TYR C 237 -10.64 -33.69 -5.79
C TYR C 237 -10.10 -34.92 -6.50
N LEU C 238 -10.68 -36.08 -6.25
CA LEU C 238 -10.18 -37.26 -6.93
C LEU C 238 -10.44 -37.21 -8.42
N ASP C 239 -11.61 -36.71 -8.80
CA ASP C 239 -11.94 -36.66 -10.18
C ASP C 239 -11.09 -35.61 -10.91
N GLN C 240 -10.68 -34.60 -10.15
CA GLN C 240 -9.81 -33.53 -10.66
C GLN C 240 -8.52 -34.12 -11.13
N LEU C 241 -7.90 -34.91 -10.25
CA LEU C 241 -6.78 -35.74 -10.61
C LEU C 241 -7.12 -36.58 -11.82
N ASN C 242 -8.30 -37.18 -11.80
CA ASN C 242 -8.72 -37.97 -12.95
C ASN C 242 -8.60 -37.22 -14.27
N HIS C 243 -9.24 -36.06 -14.35
CA HIS C 243 -9.19 -35.22 -15.55
C HIS C 243 -7.77 -34.83 -15.98
N ILE C 244 -6.92 -34.47 -15.01
CA ILE C 244 -5.54 -34.08 -15.29
C ILE C 244 -4.73 -35.24 -15.92
N LEU C 245 -4.72 -36.40 -15.27
CA LEU C 245 -3.97 -37.52 -15.80
C LEU C 245 -4.61 -38.08 -17.07
N GLY C 246 -5.90 -37.80 -17.25
CA GLY C 246 -6.58 -38.07 -18.52
C GLY C 246 -6.03 -37.41 -19.80
N ILE C 247 -5.27 -36.32 -19.63
CA ILE C 247 -4.77 -35.57 -20.75
C ILE C 247 -3.24 -35.69 -20.78
N LEU C 248 -2.60 -35.58 -19.63
CA LEU C 248 -1.14 -35.61 -19.59
C LEU C 248 -0.63 -37.04 -19.67
N GLY C 249 -1.53 -37.98 -19.36
CA GLY C 249 -1.18 -39.39 -19.27
C GLY C 249 -0.53 -39.64 -17.93
N SER C 250 -0.39 -40.92 -17.58
CA SER C 250 0.26 -41.34 -16.32
C SER C 250 1.60 -40.64 -16.13
N PRO C 251 1.91 -40.26 -14.89
CA PRO C 251 3.22 -39.64 -14.66
C PRO C 251 4.33 -40.65 -14.93
N SER C 252 5.33 -40.22 -15.69
CA SER C 252 6.59 -40.95 -15.87
C SER C 252 7.27 -41.23 -14.52
N GLN C 253 8.25 -42.12 -14.49
CA GLN C 253 8.85 -42.44 -13.21
C GLN C 253 9.50 -41.25 -12.49
N GLU C 254 10.18 -40.40 -13.26
CA GLU C 254 10.84 -39.21 -12.73
C GLU C 254 9.81 -38.25 -12.09
N ASP C 255 8.66 -38.10 -12.75
CA ASP C 255 7.50 -37.43 -12.19
C ASP C 255 7.08 -38.05 -10.88
N LEU C 256 7.03 -39.37 -10.84
CA LEU C 256 6.63 -40.05 -9.64
C LEU C 256 7.56 -39.58 -8.53
N ASN C 257 8.85 -39.42 -8.84
CA ASN C 257 9.87 -39.16 -7.81
C ASN C 257 9.72 -37.87 -7.04
N CYS C 258 9.10 -36.87 -7.65
CA CYS C 258 8.77 -35.67 -6.89
C CYS C 258 7.47 -35.76 -6.11
N ILE C 259 6.78 -36.89 -6.19
CA ILE C 259 5.72 -37.11 -5.25
C ILE C 259 6.33 -37.81 -4.05
N ILE C 260 6.09 -37.23 -2.88
CA ILE C 260 7.04 -37.24 -1.77
C ILE C 260 6.34 -37.63 -0.48
N ASN C 261 5.08 -37.98 -0.67
CA ASN C 261 4.12 -38.34 0.35
C ASN C 261 3.82 -39.80 0.07
N LEU C 262 3.86 -40.66 1.11
CA LEU C 262 3.74 -42.10 0.86
C LEU C 262 2.35 -42.58 0.35
N LYS C 263 1.28 -42.06 0.95
CA LYS C 263 -0.10 -42.36 0.50
C LYS C 263 -0.30 -41.98 -0.97
N ALA C 264 0.26 -40.85 -1.38
CA ALA C 264 0.09 -40.34 -2.75
C ALA C 264 0.80 -41.18 -3.80
N ARG C 265 1.97 -41.68 -3.47
CA ARG C 265 2.70 -42.51 -4.40
C ARG C 265 1.92 -43.76 -4.64
N ASN C 266 1.34 -44.28 -3.56
CA ASN C 266 0.47 -45.45 -3.62
C ASN C 266 -0.79 -45.26 -4.48
N TYR C 267 -1.54 -44.19 -4.21
CA TYR C 267 -2.68 -43.89 -5.05
C TYR C 267 -2.31 -43.87 -6.52
N LEU C 268 -1.31 -43.09 -6.91
CA LEU C 268 -0.97 -43.00 -8.34
C LEU C 268 -0.69 -44.31 -9.03
N LEU C 269 0.11 -45.17 -8.38
CA LEU C 269 0.46 -46.48 -8.95
C LEU C 269 -0.74 -47.40 -9.09
N SER C 270 -1.75 -47.21 -8.22
CA SER C 270 -3.00 -47.97 -8.27
C SER C 270 -3.82 -47.66 -9.53
N LEU C 271 -3.67 -46.45 -10.07
CA LEU C 271 -4.39 -46.04 -11.27
C LEU C 271 -4.03 -46.80 -12.55
N PRO C 272 -5.04 -47.05 -13.43
CA PRO C 272 -4.76 -47.65 -14.73
C PRO C 272 -3.86 -46.74 -15.53
N HIS C 273 -3.07 -47.31 -16.41
CA HIS C 273 -2.22 -46.54 -17.28
C HIS C 273 -3.08 -45.75 -18.28
N LYS C 274 -2.62 -44.55 -18.61
CA LYS C 274 -3.28 -43.72 -19.60
C LYS C 274 -2.26 -43.04 -20.49
N ASN C 275 -2.56 -42.98 -21.78
CA ASN C 275 -1.72 -42.27 -22.74
C ASN C 275 -2.05 -40.75 -22.79
N LYS C 276 -1.01 -39.97 -23.09
CA LYS C 276 -1.03 -38.53 -23.26
C LYS C 276 -1.84 -38.23 -24.50
N VAL C 277 -2.80 -37.30 -24.36
CA VAL C 277 -3.56 -36.77 -25.49
C VAL C 277 -2.75 -35.59 -25.99
N PRO C 278 -2.31 -35.60 -27.26
CA PRO C 278 -1.43 -34.49 -27.65
C PRO C 278 -2.20 -33.18 -27.76
N TRP C 279 -1.48 -32.09 -27.52
CA TRP C 279 -2.08 -30.77 -27.46
C TRP C 279 -2.78 -30.45 -28.75
N ASN C 280 -2.08 -30.63 -29.88
CA ASN C 280 -2.62 -30.27 -31.19
C ASN C 280 -3.87 -31.03 -31.64
N ARG C 281 -4.29 -32.04 -30.87
CA ARG C 281 -5.59 -32.69 -31.06
C ARG C 281 -6.65 -32.03 -30.21
N LEU C 282 -6.35 -31.72 -28.96
CA LEU C 282 -7.33 -31.02 -28.13
C LEU C 282 -7.70 -29.65 -28.68
N PHE C 283 -6.73 -28.94 -29.25
CA PHE C 283 -6.99 -27.64 -29.86
C PHE C 283 -6.36 -27.63 -31.23
N PRO C 284 -7.12 -28.07 -32.23
CA PRO C 284 -6.60 -28.24 -33.58
C PRO C 284 -6.43 -26.88 -34.25
N ASN C 285 -7.15 -25.87 -33.81
CA ASN C 285 -7.03 -24.55 -34.41
C ASN C 285 -6.17 -23.52 -33.67
N ALA C 286 -5.45 -23.98 -32.64
CA ALA C 286 -4.53 -23.12 -31.88
C ALA C 286 -3.14 -22.95 -32.49
N ASP C 287 -2.58 -21.77 -32.24
CA ASP C 287 -1.25 -21.37 -32.63
C ASP C 287 -0.25 -22.34 -31.97
N SER C 288 0.60 -22.96 -32.76
CA SER C 288 1.43 -24.00 -32.19
C SER C 288 2.47 -23.43 -31.21
N LYS C 289 2.87 -22.18 -31.43
CA LYS C 289 3.75 -21.52 -30.47
C LYS C 289 3.08 -21.58 -29.08
N ALA C 290 1.85 -21.03 -28.98
CA ALA C 290 1.05 -21.10 -27.73
C ALA C 290 0.88 -22.51 -27.17
N LEU C 291 0.71 -23.50 -28.03
CA LEU C 291 0.64 -24.91 -27.60
C LEU C 291 1.92 -25.40 -26.96
N ASP C 292 3.05 -24.82 -27.38
CA ASP C 292 4.31 -25.18 -26.74
C ASP C 292 4.32 -24.56 -25.38
N LEU C 293 3.95 -23.28 -25.27
CA LEU C 293 3.93 -22.65 -23.95
C LEU C 293 2.96 -23.39 -23.01
N LEU C 294 1.78 -23.71 -23.53
CA LEU C 294 0.81 -24.50 -22.79
C LEU C 294 1.41 -25.75 -22.24
N ASP C 295 2.15 -26.47 -23.05
CA ASP C 295 2.75 -27.73 -22.59
C ASP C 295 3.65 -27.58 -21.30
N LYS C 296 4.38 -26.47 -21.22
CA LYS C 296 5.39 -26.27 -20.20
C LYS C 296 4.73 -25.78 -18.92
N MET C 297 3.63 -25.06 -19.11
CA MET C 297 2.86 -24.54 -18.03
C MET C 297 2.12 -25.73 -17.42
N LEU C 298 1.55 -26.57 -18.25
CA LEU C 298 0.83 -27.71 -17.71
C LEU C 298 1.72 -28.98 -17.55
N THR C 299 2.95 -28.74 -17.10
CA THR C 299 3.88 -29.81 -16.82
C THR C 299 3.50 -30.38 -15.44
N PHE C 300 3.22 -31.68 -15.38
CA PHE C 300 2.88 -32.28 -14.11
C PHE C 300 3.94 -32.08 -13.01
N ASN C 301 5.22 -32.24 -13.35
CA ASN C 301 6.32 -31.96 -12.43
C ASN C 301 6.36 -30.50 -12.03
N PRO C 302 6.20 -30.20 -10.72
CA PRO C 302 6.18 -28.79 -10.28
C PRO C 302 7.51 -28.07 -10.43
N HIS C 303 8.64 -28.79 -10.46
CA HIS C 303 9.94 -28.15 -10.58
C HIS C 303 10.34 -28.01 -12.03
N LYS C 304 9.93 -28.93 -12.89
CA LYS C 304 10.24 -28.77 -14.30
C LYS C 304 9.21 -27.86 -15.01
N ARG C 305 8.14 -27.53 -14.30
CA ARG C 305 7.14 -26.60 -14.79
C ARG C 305 7.81 -25.26 -15.03
N ILE C 306 7.55 -24.65 -16.18
CA ILE C 306 8.16 -23.35 -16.52
C ILE C 306 7.90 -22.30 -15.42
N GLU C 307 8.90 -21.47 -15.14
CA GLU C 307 8.77 -20.34 -14.20
C GLU C 307 8.29 -19.02 -14.89
N VAL C 308 7.74 -18.07 -14.14
CA VAL C 308 7.10 -16.94 -14.79
C VAL C 308 8.01 -16.21 -15.77
N GLU C 309 9.24 -15.91 -15.34
CA GLU C 309 10.19 -15.07 -16.12
C GLU C 309 10.62 -15.76 -17.40
N GLN C 310 10.63 -17.09 -17.42
CA GLN C 310 10.82 -17.86 -18.66
C GLN C 310 9.58 -17.91 -19.53
N ALA C 311 8.41 -17.93 -18.92
CA ALA C 311 7.22 -17.94 -19.74
C ALA C 311 7.18 -16.61 -20.48
N LEU C 312 7.38 -15.49 -19.80
CA LEU C 312 7.37 -14.21 -20.49
C LEU C 312 8.34 -14.18 -21.72
N ALA C 313 9.51 -14.81 -21.60
CA ALA C 313 10.43 -14.90 -22.72
C ALA C 313 10.06 -15.87 -23.85
N HIS C 314 9.08 -16.77 -23.68
CA HIS C 314 8.76 -17.82 -24.71
C HIS C 314 8.37 -17.25 -26.08
N PRO C 315 8.81 -17.90 -27.20
CA PRO C 315 8.48 -17.39 -28.55
C PRO C 315 7.09 -16.76 -28.66
N TYR C 316 6.08 -17.32 -27.99
CA TYR C 316 4.69 -16.94 -28.22
C TYR C 316 4.45 -15.49 -27.84
N LEU C 317 5.17 -15.00 -26.85
CA LEU C 317 4.89 -13.66 -26.38
C LEU C 317 5.84 -12.60 -26.89
N GLU C 318 6.69 -12.98 -27.86
CA GLU C 318 7.80 -12.13 -28.26
C GLU C 318 7.41 -10.71 -28.66
N GLN C 319 6.17 -10.55 -29.13
N GLN C 319 6.16 -10.57 -29.09
CA GLN C 319 5.62 -9.26 -29.56
CA GLN C 319 5.61 -9.34 -29.59
C GLN C 319 5.60 -8.25 -28.44
C GLN C 319 5.38 -8.30 -28.49
N TYR C 320 5.43 -8.73 -27.22
CA TYR C 320 5.16 -7.82 -26.12
C TYR C 320 6.30 -7.82 -25.13
N TYR C 321 7.08 -8.89 -25.19
CA TYR C 321 8.11 -9.16 -24.21
C TYR C 321 9.20 -8.11 -24.18
N ASP C 322 9.44 -7.55 -22.99
CA ASP C 322 10.35 -6.44 -22.76
C ASP C 322 10.64 -6.35 -21.27
N PRO C 323 11.69 -7.05 -20.82
CA PRO C 323 12.02 -7.19 -19.40
C PRO C 323 12.31 -5.86 -18.70
N SER C 324 12.81 -4.88 -19.45
CA SER C 324 12.99 -3.53 -18.91
C SER C 324 11.66 -2.82 -18.62
N ASP C 325 10.54 -3.47 -18.95
CA ASP C 325 9.23 -2.89 -18.79
C ASP C 325 8.33 -3.82 -17.97
N GLU C 326 8.96 -4.81 -17.35
CA GLU C 326 8.28 -5.78 -16.54
C GLU C 326 8.82 -5.69 -15.10
N PRO C 327 8.30 -4.74 -14.31
CA PRO C 327 8.86 -4.47 -12.98
C PRO C 327 8.80 -5.64 -12.07
N ILE C 328 9.85 -5.84 -11.26
CA ILE C 328 9.76 -6.71 -10.07
C ILE C 328 9.35 -5.89 -8.90
N ALA C 329 9.07 -6.57 -7.79
CA ALA C 329 8.68 -5.92 -6.57
C ALA C 329 9.95 -5.50 -5.91
N GLU C 330 9.91 -4.29 -5.37
CA GLU C 330 11.10 -3.64 -4.80
C GLU C 330 11.39 -4.11 -3.38
N ALA C 331 10.33 -4.10 -2.57
CA ALA C 331 10.40 -4.62 -1.20
C ALA C 331 9.73 -5.96 -1.08
N PRO C 332 10.43 -7.08 -1.44
CA PRO C 332 9.78 -8.39 -1.28
C PRO C 332 9.23 -8.60 0.12
N PHE C 333 8.30 -9.52 0.25
CA PHE C 333 7.70 -9.80 1.52
C PHE C 333 8.58 -10.75 2.29
N LYS C 334 8.65 -10.51 3.60
CA LYS C 334 9.56 -11.26 4.43
C LYS C 334 8.91 -12.20 5.45
N PHE C 335 9.61 -13.30 5.75
CA PHE C 335 9.11 -14.32 6.66
C PHE C 335 8.30 -13.85 7.89
N ASP C 336 8.83 -12.91 8.69
CA ASP C 336 8.11 -12.40 9.91
C ASP C 336 6.57 -12.17 9.71
N MET C 337 6.21 -11.72 8.51
CA MET C 337 4.84 -11.39 8.10
C MET C 337 3.89 -12.63 8.01
N GLU C 338 4.46 -13.78 7.68
CA GLU C 338 3.70 -15.00 7.59
C GLU C 338 3.09 -15.42 8.93
N LEU C 339 3.64 -14.95 10.05
CA LEU C 339 3.13 -15.35 11.38
C LEU C 339 1.79 -14.71 11.78
N ASP C 340 0.75 -14.97 10.99
CA ASP C 340 -0.59 -14.53 11.32
C ASP C 340 -1.51 -15.57 11.99
N ASP C 341 -0.95 -16.70 12.46
N ASP C 341 -0.92 -16.66 12.49
CA ASP C 341 -1.79 -17.63 13.22
CA ASP C 341 -1.64 -17.66 13.29
C ASP C 341 -2.07 -17.17 14.65
C ASP C 341 -2.02 -17.15 14.69
N LEU C 342 -2.71 -16.00 14.76
CA LEU C 342 -2.98 -15.30 16.05
C LEU C 342 -4.50 -15.19 16.40
N PRO C 343 -4.88 -14.81 17.65
CA PRO C 343 -6.32 -14.79 17.90
C PRO C 343 -7.06 -13.77 17.05
N LYS C 344 -8.34 -13.98 16.80
CA LYS C 344 -9.14 -13.02 16.04
C LYS C 344 -9.01 -11.60 16.62
N GLU C 345 -8.81 -11.47 17.95
CA GLU C 345 -8.70 -10.12 18.53
C GLU C 345 -7.40 -9.42 18.21
N LYS C 346 -6.26 -10.11 18.30
CA LYS C 346 -5.00 -9.55 17.76
C LYS C 346 -5.03 -9.22 16.26
N LEU C 347 -5.74 -10.02 15.46
CA LEU C 347 -5.85 -9.76 14.04
C LEU C 347 -6.77 -8.53 13.80
N LYS C 348 -7.75 -8.32 14.66
CA LYS C 348 -8.52 -7.11 14.54
C LYS C 348 -7.57 -5.94 14.73
N GLU C 349 -6.70 -6.01 15.72
CA GLU C 349 -5.78 -4.89 15.94
C GLU C 349 -4.87 -4.64 14.74
N LEU C 350 -4.26 -5.69 14.22
CA LEU C 350 -3.39 -5.49 13.10
C LEU C 350 -4.14 -4.94 11.87
N ILE C 351 -5.42 -5.30 11.68
CA ILE C 351 -6.25 -4.66 10.65
C ILE C 351 -6.50 -3.17 10.98
N PHE C 352 -6.80 -2.89 12.24
CA PHE C 352 -6.90 -1.52 12.65
C PHE C 352 -5.63 -0.72 12.30
N GLU C 353 -4.46 -1.21 12.65
CA GLU C 353 -3.25 -0.52 12.24
C GLU C 353 -3.08 -0.45 10.73
N GLU C 354 -3.37 -1.51 10.00
CA GLU C 354 -3.03 -1.44 8.60
C GLU C 354 -3.92 -0.45 7.88
N THR C 355 -5.09 -0.15 8.44
CA THR C 355 -6.07 0.66 7.70
C THR C 355 -6.09 2.11 8.13
N ALA C 356 -5.27 2.42 9.12
CA ALA C 356 -5.18 3.73 9.69
C ALA C 356 -4.77 4.80 8.68
N ARG C 357 -3.95 4.47 7.68
CA ARG C 357 -3.34 5.53 6.94
C ARG C 357 -4.34 6.13 6.00
N PHE C 358 -5.53 5.50 5.92
CA PHE C 358 -6.66 6.07 5.13
C PHE C 358 -7.64 6.93 5.94
N GLN C 359 -7.50 6.95 7.25
CA GLN C 359 -8.44 7.69 8.09
C GLN C 359 -8.41 9.21 7.83
N PRO C 360 -9.50 9.91 8.14
CA PRO C 360 -9.46 11.32 7.72
C PRO C 360 -8.39 12.04 8.48
N GLY C 361 -7.65 12.87 7.77
CA GLY C 361 -6.66 13.75 8.38
C GLY C 361 -5.32 13.12 8.74
N TYR C 362 -5.12 11.81 8.47
CA TYR C 362 -3.94 11.07 8.92
C TYR C 362 -2.66 11.69 8.41
N ARG C 363 -1.69 11.90 9.28
CA ARG C 363 -0.43 12.52 8.93
C ARG C 363 0.67 11.46 8.72
N SER C 364 1.16 11.39 7.47
CA SER C 364 2.09 10.38 6.87
C SER C 364 1.35 9.42 5.94
N SER D 12 -39.61 -43.39 -17.53
CA SER D 12 -39.10 -42.14 -16.88
C SER D 12 -37.56 -42.10 -16.77
N ASP D 13 -36.97 -40.93 -17.09
CA ASP D 13 -35.55 -40.62 -16.81
C ASP D 13 -35.41 -39.31 -15.97
N LEU D 14 -36.46 -39.04 -15.20
CA LEU D 14 -36.54 -37.82 -14.39
C LEU D 14 -35.48 -37.80 -13.28
N GLY D 15 -34.70 -38.88 -13.17
CA GLY D 15 -33.59 -38.99 -12.20
C GLY D 15 -32.48 -37.96 -12.42
N LYS D 16 -31.95 -37.95 -13.65
CA LYS D 16 -31.06 -36.91 -14.17
C LYS D 16 -31.45 -35.49 -13.76
N LYS D 17 -32.73 -35.14 -13.90
CA LYS D 17 -33.20 -33.80 -13.56
C LYS D 17 -33.03 -33.52 -12.07
N LEU D 18 -33.19 -34.56 -11.25
CA LEU D 18 -33.02 -34.43 -9.79
C LEU D 18 -31.57 -34.14 -9.34
N LEU D 19 -30.63 -34.94 -9.85
CA LEU D 19 -29.21 -34.70 -9.66
C LEU D 19 -28.95 -33.24 -9.98
N GLU D 20 -29.25 -32.88 -11.22
CA GLU D 20 -29.15 -31.52 -11.71
C GLU D 20 -29.74 -30.51 -10.70
N ALA D 21 -30.96 -30.77 -10.21
CA ALA D 21 -31.63 -29.84 -9.31
C ALA D 21 -30.96 -29.73 -7.93
N ALA D 22 -30.39 -30.85 -7.49
CA ALA D 22 -29.74 -30.94 -6.20
C ALA D 22 -28.46 -30.09 -6.16
N ARG D 23 -27.65 -30.20 -7.22
CA ARG D 23 -26.48 -29.34 -7.39
C ARG D 23 -26.87 -27.86 -7.29
N ALA D 24 -27.70 -27.40 -8.21
CA ALA D 24 -28.14 -25.99 -8.26
C ALA D 24 -28.78 -25.52 -6.95
N GLY D 25 -29.07 -26.47 -6.06
CA GLY D 25 -29.73 -26.19 -4.79
C GLY D 25 -31.12 -25.61 -4.90
N GLN D 26 -31.93 -26.17 -5.81
CA GLN D 26 -33.32 -25.76 -5.96
C GLN D 26 -34.27 -26.47 -4.97
N ASP D 27 -34.37 -25.93 -3.74
CA ASP D 27 -35.15 -26.55 -2.62
C ASP D 27 -36.60 -26.80 -3.05
N ASP D 28 -37.25 -25.72 -3.48
CA ASP D 28 -38.59 -25.77 -4.07
C ASP D 28 -38.72 -26.77 -5.23
N GLU D 29 -37.76 -26.74 -6.15
CA GLU D 29 -37.83 -27.49 -7.42
C GLU D 29 -37.43 -28.98 -7.28
N VAL D 30 -37.03 -29.39 -6.09
CA VAL D 30 -36.73 -30.80 -5.85
C VAL D 30 -37.91 -31.56 -5.22
N ARG D 31 -38.60 -30.94 -4.26
CA ARG D 31 -39.78 -31.57 -3.63
C ARG D 31 -40.90 -31.89 -4.64
N ILE D 32 -40.89 -31.20 -5.79
CA ILE D 32 -41.76 -31.53 -6.94
C ILE D 32 -41.35 -32.89 -7.56
N LEU D 33 -40.03 -33.12 -7.66
CA LEU D 33 -39.47 -34.37 -8.21
C LEU D 33 -39.56 -35.57 -7.24
N MET D 34 -39.58 -35.30 -5.94
CA MET D 34 -39.92 -36.30 -4.94
C MET D 34 -41.34 -36.70 -5.18
N ALA D 35 -42.23 -35.75 -4.87
CA ALA D 35 -43.68 -35.89 -4.94
C ALA D 35 -44.20 -36.44 -6.28
N ASN D 36 -43.38 -36.37 -7.33
CA ASN D 36 -43.77 -36.89 -8.65
C ASN D 36 -42.97 -38.09 -9.23
N GLY D 37 -42.23 -38.80 -8.39
CA GLY D 37 -41.66 -40.10 -8.78
C GLY D 37 -40.14 -40.26 -8.88
N ALA D 38 -39.43 -39.16 -9.11
CA ALA D 38 -37.97 -39.22 -9.24
C ALA D 38 -37.33 -39.83 -8.00
N ASP D 39 -36.36 -40.72 -8.20
CA ASP D 39 -35.75 -41.53 -7.12
C ASP D 39 -34.46 -40.96 -6.48
N VAL D 40 -34.35 -41.17 -5.17
CA VAL D 40 -33.35 -40.50 -4.34
C VAL D 40 -31.93 -40.96 -4.67
N ASN D 41 -31.79 -42.13 -5.28
CA ASN D 41 -30.45 -42.67 -5.52
C ASN D 41 -30.05 -42.79 -6.99
N ALA D 42 -30.60 -41.93 -7.86
CA ALA D 42 -30.13 -41.87 -9.24
C ALA D 42 -28.62 -41.58 -9.22
N LEU D 43 -27.88 -42.05 -10.21
CA LEU D 43 -26.46 -41.73 -10.22
C LEU D 43 -25.90 -41.24 -11.59
N ASP D 44 -24.89 -40.35 -11.55
CA ASP D 44 -24.31 -39.84 -12.80
C ASP D 44 -23.23 -40.78 -13.35
N GLU D 45 -22.62 -40.44 -14.48
CA GLU D 45 -21.72 -41.39 -15.16
C GLU D 45 -20.42 -41.60 -14.39
N ASP D 46 -20.46 -41.13 -13.14
CA ASP D 46 -19.34 -41.06 -12.21
C ASP D 46 -19.70 -41.69 -10.86
N GLY D 47 -20.97 -41.97 -10.65
CA GLY D 47 -21.41 -42.70 -9.47
C GLY D 47 -22.02 -41.83 -8.37
N LEU D 48 -22.14 -40.55 -8.63
CA LEU D 48 -22.63 -39.61 -7.62
C LEU D 48 -24.16 -39.56 -7.47
N THR D 49 -24.61 -39.42 -6.23
CA THR D 49 -26.04 -39.38 -5.93
C THR D 49 -26.49 -37.97 -5.65
N PRO D 50 -27.78 -37.68 -5.83
CA PRO D 50 -28.35 -36.44 -5.31
C PRO D 50 -27.82 -36.04 -3.93
N LEU D 51 -27.80 -37.00 -3.00
CA LEU D 51 -27.27 -36.72 -1.68
C LEU D 51 -25.78 -36.22 -1.76
N HIS D 52 -24.90 -37.01 -2.38
CA HIS D 52 -23.54 -36.56 -2.69
C HIS D 52 -23.50 -35.06 -3.06
N LEU D 53 -24.22 -34.68 -4.12
CA LEU D 53 -24.12 -33.34 -4.70
C LEU D 53 -24.58 -32.22 -3.78
N ALA D 54 -25.62 -32.51 -2.97
CA ALA D 54 -26.19 -31.54 -2.03
C ALA D 54 -25.36 -31.30 -0.77
N ALA D 55 -24.71 -32.36 -0.28
CA ALA D 55 -23.88 -32.28 0.91
C ALA D 55 -22.58 -31.53 0.60
N GLN D 56 -22.12 -31.69 -0.64
CA GLN D 56 -20.94 -30.99 -1.14
C GLN D 56 -21.15 -29.48 -1.08
N LEU D 57 -22.23 -28.98 -1.70
CA LEU D 57 -22.46 -27.54 -1.78
C LEU D 57 -23.12 -26.93 -0.54
N GLY D 58 -23.18 -27.70 0.54
CA GLY D 58 -23.70 -27.24 1.82
C GLY D 58 -25.19 -26.92 1.90
N HIS D 59 -26.01 -27.65 1.14
CA HIS D 59 -27.46 -27.38 1.07
C HIS D 59 -28.35 -28.15 2.08
N LEU D 60 -28.14 -27.96 3.39
CA LEU D 60 -28.74 -28.86 4.39
C LEU D 60 -30.25 -29.08 4.26
N GLU D 61 -30.99 -28.05 3.87
CA GLU D 61 -32.43 -28.23 3.72
C GLU D 61 -32.71 -29.33 2.68
N ILE D 62 -32.01 -29.28 1.55
CA ILE D 62 -32.13 -30.36 0.56
C ILE D 62 -31.61 -31.70 1.08
N VAL D 63 -30.60 -31.68 1.95
CA VAL D 63 -30.11 -32.95 2.52
C VAL D 63 -31.14 -33.58 3.47
N GLU D 64 -31.80 -32.74 4.28
CA GLU D 64 -32.74 -33.30 5.22
C GLU D 64 -33.82 -34.07 4.49
N VAL D 65 -34.26 -33.56 3.34
CA VAL D 65 -35.38 -34.20 2.60
C VAL D 65 -34.98 -35.43 1.80
N LEU D 66 -33.80 -35.40 1.22
CA LEU D 66 -33.26 -36.56 0.51
C LEU D 66 -33.13 -37.74 1.46
N LEU D 67 -32.75 -37.43 2.70
CA LEU D 67 -32.61 -38.41 3.75
C LEU D 67 -33.97 -38.96 4.17
N LYS D 68 -34.89 -38.04 4.48
CA LYS D 68 -36.24 -38.35 4.90
C LYS D 68 -37.12 -38.79 3.72
N TYR D 69 -36.48 -39.21 2.62
CA TYR D 69 -37.14 -39.79 1.44
C TYR D 69 -36.38 -41.04 0.98
N GLY D 70 -35.41 -41.44 1.80
CA GLY D 70 -34.75 -42.73 1.66
C GLY D 70 -33.34 -42.80 1.09
N ALA D 71 -32.66 -41.66 0.92
CA ALA D 71 -31.36 -41.65 0.24
C ALA D 71 -30.32 -42.54 0.93
N ASP D 72 -29.36 -43.07 0.17
CA ASP D 72 -28.27 -43.89 0.72
C ASP D 72 -27.23 -43.00 1.36
N VAL D 73 -27.10 -43.10 2.68
CA VAL D 73 -26.22 -42.20 3.45
C VAL D 73 -24.77 -42.52 3.27
N ASN D 74 -24.47 -43.76 2.89
CA ASN D 74 -23.09 -44.21 2.67
C ASN D 74 -22.78 -44.63 1.23
N ALA D 75 -23.53 -44.11 0.27
CA ALA D 75 -23.31 -44.46 -1.14
C ALA D 75 -21.92 -43.98 -1.55
N GLU D 76 -21.22 -44.78 -2.35
CA GLU D 76 -19.90 -44.39 -2.82
C GLU D 76 -19.89 -44.29 -4.32
N ASP D 77 -19.26 -43.24 -4.83
CA ASP D 77 -19.09 -43.08 -6.27
C ASP D 77 -17.93 -43.98 -6.72
N ASN D 78 -17.53 -43.86 -7.98
CA ASN D 78 -16.47 -44.68 -8.57
C ASN D 78 -15.09 -44.40 -7.96
N PHE D 79 -15.04 -43.43 -7.05
CA PHE D 79 -13.80 -42.98 -6.44
C PHE D 79 -13.70 -43.35 -4.95
N GLY D 80 -14.79 -43.90 -4.43
CA GLY D 80 -14.82 -44.26 -3.03
C GLY D 80 -15.42 -43.16 -2.19
N ILE D 81 -15.72 -42.04 -2.85
CA ILE D 81 -16.21 -40.82 -2.21
C ILE D 81 -17.66 -40.99 -1.77
N THR D 82 -17.88 -40.82 -0.47
CA THR D 82 -19.20 -40.87 0.15
C THR D 82 -19.54 -39.47 0.49
N PRO D 83 -20.85 -39.18 0.70
CA PRO D 83 -21.34 -37.84 1.00
C PRO D 83 -20.70 -37.20 2.23
N LEU D 84 -20.43 -38.02 3.24
CA LEU D 84 -19.65 -37.59 4.40
C LEU D 84 -18.32 -36.92 4.00
N HIS D 85 -17.56 -37.54 3.12
CA HIS D 85 -16.32 -36.95 2.62
C HIS D 85 -16.58 -35.56 2.09
N LEU D 86 -17.50 -35.46 1.13
CA LEU D 86 -17.78 -34.19 0.45
C LEU D 86 -18.24 -33.10 1.40
N ALA D 87 -19.03 -33.46 2.39
CA ALA D 87 -19.44 -32.47 3.35
C ALA D 87 -18.24 -31.96 4.16
N ALA D 88 -17.37 -32.87 4.61
CA ALA D 88 -16.21 -32.47 5.42
C ALA D 88 -15.19 -31.59 4.66
N ILE D 89 -14.87 -32.03 3.43
CA ILE D 89 -13.89 -31.36 2.55
C ILE D 89 -14.06 -29.86 2.57
N ARG D 90 -15.32 -29.45 2.61
CA ARG D 90 -15.71 -28.05 2.51
C ARG D 90 -16.14 -27.49 3.87
N GLY D 91 -15.99 -28.27 4.94
CA GLY D 91 -16.20 -27.78 6.32
C GLY D 91 -17.63 -27.46 6.71
N HIS D 92 -18.57 -28.20 6.13
CA HIS D 92 -19.99 -28.02 6.37
C HIS D 92 -20.50 -28.69 7.66
N LEU D 93 -20.38 -27.97 8.78
CA LEU D 93 -20.63 -28.50 10.12
C LEU D 93 -21.99 -29.13 10.27
N GLU D 94 -23.03 -28.34 9.99
CA GLU D 94 -24.39 -28.76 10.28
C GLU D 94 -24.75 -29.99 9.47
N ILE D 95 -24.11 -30.11 8.30
CA ILE D 95 -24.45 -31.12 7.32
C ILE D 95 -23.79 -32.46 7.68
N VAL D 96 -22.67 -32.37 8.39
CA VAL D 96 -21.91 -33.56 8.74
C VAL D 96 -22.63 -34.29 9.84
N GLU D 97 -23.16 -33.54 10.81
CA GLU D 97 -23.75 -34.18 11.98
C GLU D 97 -25.12 -34.75 11.67
N VAL D 98 -25.77 -34.18 10.67
CA VAL D 98 -27.05 -34.67 10.20
C VAL D 98 -26.82 -35.96 9.41
N LEU D 99 -25.70 -36.02 8.72
CA LEU D 99 -25.30 -37.23 8.05
C LEU D 99 -24.92 -38.31 9.07
N LEU D 100 -24.39 -37.85 10.20
CA LEU D 100 -23.94 -38.68 11.31
C LEU D 100 -25.07 -39.08 12.25
N LYS D 101 -26.11 -38.24 12.30
CA LYS D 101 -27.38 -38.49 13.01
C LYS D 101 -28.13 -39.62 12.31
N HIS D 102 -28.05 -39.61 10.97
CA HIS D 102 -28.69 -40.60 10.07
C HIS D 102 -27.79 -41.80 9.73
N GLY D 103 -26.68 -41.96 10.47
CA GLY D 103 -25.80 -43.15 10.38
C GLY D 103 -24.66 -43.24 9.36
N ALA D 104 -23.99 -42.12 9.07
CA ALA D 104 -22.86 -42.11 8.13
C ALA D 104 -21.64 -42.90 8.67
N ASP D 105 -20.97 -43.71 7.82
CA ASP D 105 -19.85 -44.59 8.28
C ASP D 105 -18.52 -43.82 8.35
N VAL D 106 -18.10 -43.50 9.57
CA VAL D 106 -16.91 -42.71 9.82
C VAL D 106 -15.66 -43.38 9.23
N ASN D 107 -15.51 -44.70 9.44
CA ASN D 107 -14.30 -45.40 8.97
C ASN D 107 -14.24 -45.62 7.46
N ALA D 108 -15.15 -44.99 6.72
CA ALA D 108 -15.23 -45.23 5.30
C ALA D 108 -14.13 -44.51 4.55
N GLN D 109 -13.21 -45.30 4.02
CA GLN D 109 -12.16 -44.81 3.13
C GLN D 109 -12.59 -44.59 1.69
N ASP D 110 -11.95 -43.61 1.06
CA ASP D 110 -12.05 -43.40 -0.36
C ASP D 110 -10.85 -44.05 -1.06
N LYS D 111 -10.81 -43.97 -2.39
CA LYS D 111 -9.75 -44.70 -3.11
C LYS D 111 -8.32 -44.17 -2.86
N PHE D 112 -8.23 -43.05 -2.12
CA PHE D 112 -6.96 -42.43 -1.79
C PHE D 112 -6.54 -42.93 -0.41
N GLY D 113 -7.48 -43.48 0.32
CA GLY D 113 -7.18 -43.95 1.66
C GLY D 113 -7.66 -42.94 2.66
N LYS D 114 -8.28 -41.88 2.17
CA LYS D 114 -8.76 -40.80 3.05
C LYS D 114 -10.16 -41.09 3.61
N THR D 115 -10.27 -40.96 4.93
CA THR D 115 -11.52 -41.05 5.62
C THR D 115 -11.93 -39.60 5.88
N ALA D 116 -13.20 -39.38 6.22
CA ALA D 116 -13.69 -38.04 6.47
C ALA D 116 -12.90 -37.37 7.57
N PHE D 117 -12.53 -38.14 8.59
CA PHE D 117 -11.65 -37.65 9.66
C PHE D 117 -10.27 -37.16 9.14
N ASP D 118 -9.56 -38.05 8.43
CA ASP D 118 -8.31 -37.79 7.70
C ASP D 118 -8.39 -36.47 6.97
N ILE D 119 -9.54 -36.23 6.35
CA ILE D 119 -9.74 -35.00 5.64
C ILE D 119 -9.64 -33.83 6.62
N SER D 120 -10.49 -33.79 7.64
CA SER D 120 -10.50 -32.61 8.53
C SER D 120 -9.13 -32.35 9.21
N ILE D 121 -8.34 -33.39 9.40
CA ILE D 121 -6.97 -33.24 9.91
C ILE D 121 -6.05 -32.51 8.91
N ASP D 122 -6.12 -32.86 7.63
CA ASP D 122 -5.46 -32.09 6.59
C ASP D 122 -6.00 -30.63 6.51
N ASN D 123 -7.33 -30.48 6.48
CA ASN D 123 -8.05 -29.17 6.56
C ASN D 123 -7.67 -28.25 7.70
N GLY D 124 -7.17 -28.81 8.79
CA GLY D 124 -7.05 -28.06 10.04
C GLY D 124 -8.38 -27.57 10.57
N ASN D 125 -9.44 -28.36 10.37
CA ASN D 125 -10.76 -27.99 10.86
C ASN D 125 -11.01 -28.58 12.24
N GLU D 126 -10.70 -27.79 13.25
CA GLU D 126 -10.63 -28.26 14.63
C GLU D 126 -12.02 -28.59 15.13
N ASP D 127 -12.96 -27.70 14.82
CA ASP D 127 -14.35 -27.91 15.19
C ASP D 127 -14.91 -29.17 14.57
N LEU D 128 -14.34 -29.59 13.44
CA LEU D 128 -14.83 -30.77 12.72
C LEU D 128 -14.26 -32.08 13.22
N ALA D 129 -12.95 -32.07 13.48
CA ALA D 129 -12.24 -33.25 13.97
C ALA D 129 -12.78 -33.77 15.31
N GLU D 130 -13.47 -32.92 16.05
CA GLU D 130 -14.11 -33.36 17.28
C GLU D 130 -15.42 -34.10 16.95
N ILE D 131 -16.26 -33.50 16.12
CA ILE D 131 -17.53 -34.09 15.72
C ILE D 131 -17.38 -35.47 15.04
N LEU D 132 -16.18 -35.73 14.48
CA LEU D 132 -15.82 -37.04 13.92
C LEU D 132 -15.24 -38.06 14.91
N GLN D 133 -14.43 -37.58 15.87
CA GLN D 133 -13.74 -38.46 16.84
C GLN D 133 -14.20 -38.22 18.28
S SO4 E . -18.13 12.01 16.02
O1 SO4 E . -17.92 10.58 15.74
O2 SO4 E . -19.05 12.18 17.17
O3 SO4 E . -16.80 12.50 16.35
O4 SO4 E . -18.56 12.77 14.82
S SO4 F . -23.42 8.40 -11.17
O1 SO4 F . -23.13 7.54 -10.03
O2 SO4 F . -23.71 9.77 -10.72
O3 SO4 F . -22.19 8.40 -11.98
O4 SO4 F . -24.57 7.80 -11.88
#